data_2UVE
#
_entry.id   2UVE
#
_cell.length_a   89.952
_cell.length_b   78.763
_cell.length_c   98.192
_cell.angle_alpha   90.00
_cell.angle_beta   103.61
_cell.angle_gamma   90.00
#
_symmetry.space_group_name_H-M   'P 1 21 1'
#
loop_
_entity.id
_entity.type
_entity.pdbx_description
1 polymer EXOPOLYGALACTURONASE
2 non-polymer 'NICKEL (II) ION'
3 non-polymer 'SULFATE ION'
4 non-polymer 'ACETATE ION'
5 water water
#
_entity_poly.entity_id   1
_entity_poly.type   'polypeptide(L)'
_entity_poly.pdbx_seq_one_letter_code
;MQAQLQRPRTTGMLVIMASLMVGTPMAMAAKSSSLDAPQQLQVPTLAYDESSIVLVWKAPEDTRKIVDYQIFSAGKLLGK
ASDNNDNFSPAKPYIDHFYVNDKDNFQHKIVMQNFTVIGLKPETSYQFTVKAQYADGSLSVASKPITAKTSAKPQIVNVR
DFGAIDDGKTLNTKAIQQAIDSCKPGCRVEIPAGTYKSGALWLKSDMTLNLQAGAILLGSENPDDYPAGYRLYPYSTIER
PASLINAIDPNNSKPGTFRNIRITGSGVIDGNGWLRAKTAEITDELGRSLPQYVASKNSKVHEDGILAKNQVEKAVSDGM
DLKNAYGQRRSSLMTLRGVENVYLAGFTVRNPAFHGIMNLENHNVVANGLIHQTYDANNGDGIEFGNSQNVMVFNNFFDT
GDDCINFAAGTGEKAQEQEPMKGAWLFNNYFRMGHGAIVTGSHTGAWIEDILAENNVMYLTDIGLRAKSTSTIGGGARNV
TFRNNAMRDLAKQVMVMTLDYADSNANIDYPPAKIPAQFYDFTLKNVTVDNSTGKNPSIEIKGDTANKAWHRLVHVNNVQ
LNNVTPTAISDLRDSEFNKVTFTELRGDTPWHFSEVKNVKVDGKPVAP
;
_entity_poly.pdbx_strand_id   A,B
#
# COMPACT_ATOMS: atom_id res chain seq x y z
N ASP A 36 -17.09 -26.84 -4.97
CA ASP A 36 -16.88 -27.02 -6.45
C ASP A 36 -15.56 -26.33 -6.88
N ALA A 37 -14.87 -26.89 -7.89
CA ALA A 37 -13.55 -26.39 -8.32
C ALA A 37 -13.62 -25.02 -9.03
N PRO A 38 -12.62 -24.12 -8.81
CA PRO A 38 -12.59 -22.88 -9.60
C PRO A 38 -12.57 -23.19 -11.09
N GLN A 39 -13.30 -22.40 -11.85
CA GLN A 39 -13.40 -22.60 -13.30
C GLN A 39 -12.57 -21.59 -14.11
N GLN A 40 -12.12 -22.05 -15.28
CA GLN A 40 -11.53 -21.25 -16.33
C GLN A 40 -10.25 -20.51 -15.95
N LEU A 41 -9.36 -21.20 -15.26
CA LEU A 41 -8.00 -20.73 -15.11
C LEU A 41 -7.37 -20.56 -16.49
N GLN A 42 -6.67 -19.44 -16.69
CA GLN A 42 -6.19 -19.05 -18.01
C GLN A 42 -5.13 -17.98 -17.85
N VAL A 43 -4.22 -17.91 -18.82
CA VAL A 43 -3.36 -16.75 -19.05
C VAL A 43 -4.10 -15.82 -20.00
N PRO A 44 -4.42 -14.58 -19.54
CA PRO A 44 -4.95 -13.55 -20.44
C PRO A 44 -4.05 -13.33 -21.65
N THR A 45 -4.66 -13.03 -22.79
CA THR A 45 -3.90 -12.70 -24.00
C THR A 45 -2.59 -11.91 -23.78
N LEU A 46 -1.47 -12.54 -24.18
CA LEU A 46 -0.13 -11.93 -24.15
C LEU A 46 0.36 -11.48 -22.74
N ALA A 47 -0.33 -11.93 -21.69
CA ALA A 47 0.04 -11.54 -20.32
C ALA A 47 1.14 -12.46 -19.81
N TYR A 48 2.21 -12.56 -20.59
CA TYR A 48 3.38 -13.38 -20.21
C TYR A 48 4.57 -12.83 -20.95
N ASP A 49 5.76 -13.11 -20.44
CA ASP A 49 6.97 -12.79 -21.15
C ASP A 49 8.04 -13.84 -20.89
N GLU A 50 9.31 -13.48 -20.99
CA GLU A 50 10.40 -14.44 -20.74
C GLU A 50 10.57 -14.89 -19.28
N SER A 51 9.93 -14.22 -18.33
CA SER A 51 10.14 -14.58 -16.92
C SER A 51 8.88 -14.63 -16.05
N SER A 52 7.73 -14.33 -16.62
CA SER A 52 6.50 -14.17 -15.85
C SER A 52 5.28 -14.55 -16.66
N ILE A 53 4.21 -14.90 -15.95
CA ILE A 53 2.93 -15.34 -16.50
C ILE A 53 1.84 -14.83 -15.54
N VAL A 54 0.78 -14.22 -16.09
CA VAL A 54 -0.34 -13.80 -15.26
C VAL A 54 -1.43 -14.82 -15.45
N LEU A 55 -2.13 -15.14 -14.35
CA LEU A 55 -3.22 -16.10 -14.34
C LEU A 55 -4.47 -15.40 -13.82
N VAL A 56 -5.61 -15.77 -14.36
CA VAL A 56 -6.90 -15.25 -13.91
C VAL A 56 -7.84 -16.46 -13.99
N TRP A 57 -8.96 -16.38 -13.31
CA TRP A 57 -9.94 -17.47 -13.23
C TRP A 57 -11.25 -16.82 -12.86
N LYS A 58 -12.34 -17.50 -13.17
CA LYS A 58 -13.65 -17.11 -12.71
C LYS A 58 -13.88 -17.37 -11.20
N ALA A 59 -14.53 -16.41 -10.55
CA ALA A 59 -15.08 -16.59 -9.24
C ALA A 59 -16.58 -16.82 -9.47
N PRO A 60 -17.24 -17.67 -8.63
CA PRO A 60 -18.67 -17.90 -8.77
C PRO A 60 -19.49 -16.68 -8.41
N GLU A 61 -20.79 -16.75 -8.66
CA GLU A 61 -21.73 -15.72 -8.30
C GLU A 61 -21.77 -15.46 -6.79
N ASP A 62 -21.76 -16.55 -6.03
CA ASP A 62 -21.88 -16.49 -4.56
C ASP A 62 -20.50 -16.80 -4.00
N THR A 63 -19.90 -15.81 -3.34
CA THR A 63 -18.53 -15.94 -2.82
C THR A 63 -18.54 -15.82 -1.31
N ARG A 64 -19.72 -15.96 -0.71
CA ARG A 64 -19.89 -15.74 0.74
C ARG A 64 -18.94 -16.55 1.62
N LYS A 65 -18.57 -17.73 1.14
CA LYS A 65 -17.69 -18.62 1.89
C LYS A 65 -16.22 -18.53 1.45
N ILE A 66 -15.99 -17.98 0.26
CA ILE A 66 -14.64 -17.92 -0.31
C ILE A 66 -13.97 -16.65 0.16
N VAL A 67 -12.79 -16.79 0.75
CA VAL A 67 -12.07 -15.63 1.28
C VAL A 67 -10.78 -15.35 0.53
N ASP A 68 -10.37 -16.30 -0.31
CA ASP A 68 -9.09 -16.25 -1.03
C ASP A 68 -8.97 -17.42 -2.00
N TYR A 69 -7.84 -17.42 -2.71
CA TYR A 69 -7.52 -18.45 -3.67
C TYR A 69 -6.06 -18.71 -3.53
N GLN A 70 -5.69 -19.99 -3.61
CA GLN A 70 -4.28 -20.37 -3.61
C GLN A 70 -3.93 -20.98 -4.93
N ILE A 71 -2.71 -20.71 -5.34
CA ILE A 71 -2.27 -21.00 -6.68
C ILE A 71 -1.11 -21.95 -6.51
N PHE A 72 -1.13 -23.02 -7.33
CA PHE A 72 -0.16 -24.10 -7.26
C PHE A 72 0.46 -24.31 -8.64
N SER A 73 1.75 -24.61 -8.66
CA SER A 73 2.44 -24.97 -9.90
C SER A 73 3.05 -26.34 -9.67
N ALA A 74 2.61 -27.31 -10.46
CA ALA A 74 2.98 -28.71 -10.27
C ALA A 74 2.67 -29.12 -8.80
N GLY A 75 1.48 -28.75 -8.34
CA GLY A 75 0.99 -29.11 -7.01
C GLY A 75 1.75 -28.47 -5.87
N LYS A 76 2.71 -27.61 -6.21
CA LYS A 76 3.45 -26.78 -5.24
C LYS A 76 2.82 -25.38 -5.08
N LEU A 77 2.59 -24.99 -3.83
CA LEU A 77 1.97 -23.73 -3.47
C LEU A 77 2.84 -22.54 -3.85
N LEU A 78 2.34 -21.71 -4.78
CA LEU A 78 3.04 -20.45 -5.12
C LEU A 78 2.62 -19.36 -4.17
N GLY A 79 1.36 -19.38 -3.76
CA GLY A 79 0.89 -18.43 -2.76
C GLY A 79 -0.59 -18.21 -2.87
N LYS A 80 -1.06 -17.19 -2.15
CA LYS A 80 -2.47 -16.77 -2.19
C LYS A 80 -2.65 -15.53 -3.10
N ALA A 81 -3.80 -15.46 -3.76
CA ALA A 81 -4.21 -14.31 -4.61
C ALA A 81 -4.20 -12.96 -3.89
N SER A 82 -4.82 -12.87 -2.70
CA SER A 82 -4.71 -11.68 -1.82
C SER A 82 -3.27 -11.13 -1.67
N ASP A 83 -2.38 -11.95 -1.13
CA ASP A 83 -0.94 -11.61 -0.99
C ASP A 83 -0.25 -11.25 -2.30
N ASN A 84 -0.54 -12.02 -3.34
CA ASN A 84 0.09 -11.74 -4.62
C ASN A 84 -0.34 -10.35 -5.16
N ASN A 85 -1.62 -10.01 -5.08
CA ASN A 85 -2.14 -8.67 -5.44
C ASN A 85 -1.57 -7.48 -4.62
N ASP A 86 -1.35 -7.69 -3.31
CA ASP A 86 -0.64 -6.73 -2.46
C ASP A 86 0.70 -6.36 -3.09
N ASN A 87 1.34 -7.34 -3.70
CA ASN A 87 2.64 -7.17 -4.35
C ASN A 87 2.57 -6.49 -5.75
N PHE A 88 1.63 -6.93 -6.59
CA PHE A 88 1.62 -6.61 -8.01
C PHE A 88 0.52 -5.69 -8.51
N SER A 89 -0.60 -5.61 -7.80
CA SER A 89 -1.75 -4.75 -8.23
C SER A 89 -1.72 -3.33 -7.67
N PRO A 90 -1.82 -2.29 -8.56
CA PRO A 90 -1.93 -0.94 -8.01
C PRO A 90 -3.27 -0.62 -7.39
N ALA A 91 -4.33 -1.35 -7.78
CA ALA A 91 -5.65 -1.22 -7.19
C ALA A 91 -5.72 -1.78 -5.75
N LYS A 92 -5.01 -2.87 -5.47
CA LYS A 92 -5.13 -3.62 -4.20
C LYS A 92 -5.02 -2.82 -2.88
N PRO A 93 -3.99 -1.95 -2.71
CA PRO A 93 -3.97 -1.13 -1.48
C PRO A 93 -5.18 -0.24 -1.32
N TYR A 94 -5.70 0.29 -2.43
CA TYR A 94 -6.92 1.10 -2.40
C TYR A 94 -8.13 0.29 -2.05
N ILE A 95 -8.22 -0.88 -2.66
CA ILE A 95 -9.28 -1.84 -2.35
C ILE A 95 -9.23 -2.27 -0.88
N ASP A 96 -8.04 -2.63 -0.36
CA ASP A 96 -8.02 -3.00 1.10
C ASP A 96 -8.47 -1.84 1.96
N HIS A 97 -8.00 -0.65 1.60
CA HIS A 97 -8.27 0.56 2.38
C HIS A 97 -9.75 0.94 2.41
N PHE A 98 -10.45 0.64 1.34
CA PHE A 98 -11.91 0.86 1.19
C PHE A 98 -12.73 0.23 2.36
N TYR A 99 -12.27 -0.92 2.84
CA TYR A 99 -12.90 -1.62 3.95
C TYR A 99 -12.41 -1.20 5.35
N VAL A 100 -11.38 -0.33 5.46
CA VAL A 100 -10.79 0.06 6.76
C VAL A 100 -11.79 0.53 7.83
N ASN A 101 -12.75 1.37 7.44
CA ASN A 101 -13.76 1.92 8.37
C ASN A 101 -15.12 1.21 8.31
N ASP A 102 -15.14 -0.01 7.79
CA ASP A 102 -16.35 -0.76 7.58
C ASP A 102 -16.58 -1.71 8.75
N LYS A 103 -16.75 -1.13 9.94
CA LYS A 103 -17.22 -1.93 11.05
C LYS A 103 -18.67 -2.29 10.76
N ASP A 104 -19.07 -3.46 11.26
CA ASP A 104 -20.43 -3.97 11.01
C ASP A 104 -20.57 -4.74 9.68
N ASN A 105 -19.48 -4.84 8.93
CA ASN A 105 -19.41 -5.59 7.68
C ASN A 105 -20.53 -5.31 6.71
N PHE A 106 -20.85 -4.04 6.53
CA PHE A 106 -21.83 -3.64 5.52
C PHE A 106 -21.42 -3.99 4.07
N GLN A 107 -20.15 -3.74 3.71
CA GLN A 107 -19.73 -3.80 2.31
C GLN A 107 -19.42 -5.21 1.85
N HIS A 108 -19.93 -5.50 0.66
CA HIS A 108 -19.60 -6.72 -0.02
C HIS A 108 -18.08 -6.87 -0.14
N LYS A 109 -17.57 -8.00 0.35
CA LYS A 109 -16.15 -8.30 0.35
C LYS A 109 -15.79 -8.96 -0.97
N ILE A 110 -14.96 -8.30 -1.76
CA ILE A 110 -14.59 -8.79 -3.06
C ILE A 110 -13.44 -9.80 -2.92
N VAL A 111 -13.33 -10.71 -3.87
CA VAL A 111 -12.25 -11.65 -3.87
C VAL A 111 -11.34 -11.38 -5.07
N MET A 112 -10.07 -11.74 -4.92
CA MET A 112 -9.07 -11.65 -6.00
C MET A 112 -9.18 -12.83 -6.95
N GLN A 113 -8.97 -12.55 -8.23
CA GLN A 113 -9.19 -13.50 -9.32
C GLN A 113 -8.03 -13.50 -10.24
N ASN A 114 -6.88 -13.04 -9.76
CA ASN A 114 -5.66 -12.99 -10.56
C ASN A 114 -4.45 -13.23 -9.66
N PHE A 115 -3.34 -13.67 -10.28
CA PHE A 115 -2.12 -14.00 -9.59
C PHE A 115 -1.01 -13.87 -10.62
N THR A 116 0.03 -13.12 -10.28
CA THR A 116 1.16 -12.94 -11.17
C THR A 116 2.34 -13.79 -10.74
N VAL A 117 2.83 -14.62 -11.66
CA VAL A 117 3.95 -15.53 -11.44
C VAL A 117 5.20 -14.95 -12.03
N ILE A 118 6.21 -14.63 -11.19
CA ILE A 118 7.48 -14.10 -11.65
C ILE A 118 8.67 -15.05 -11.34
N GLY A 119 9.88 -14.69 -11.80
CA GLY A 119 11.06 -15.49 -11.48
C GLY A 119 11.13 -16.78 -12.26
N LEU A 120 10.45 -16.80 -13.41
CA LEU A 120 10.45 -17.93 -14.30
C LEU A 120 11.59 -17.87 -15.29
N LYS A 121 11.78 -18.97 -15.98
CA LYS A 121 12.85 -19.10 -16.96
C LYS A 121 12.30 -19.00 -18.39
N PRO A 122 13.13 -18.52 -19.34
CA PRO A 122 12.67 -18.38 -20.74
C PRO A 122 12.36 -19.71 -21.46
N GLU A 123 11.35 -19.67 -22.31
CA GLU A 123 10.84 -20.83 -23.10
C GLU A 123 10.62 -22.12 -22.30
N THR A 124 9.89 -22.01 -21.19
CA THR A 124 9.73 -23.10 -20.24
C THR A 124 8.24 -23.29 -19.97
N SER A 125 7.77 -24.53 -20.04
CA SER A 125 6.38 -24.83 -19.70
C SER A 125 6.26 -24.97 -18.18
N TYR A 126 5.12 -24.53 -17.66
CA TYR A 126 4.78 -24.62 -16.25
C TYR A 126 3.34 -25.04 -16.26
N GLN A 127 2.97 -25.92 -15.33
CA GLN A 127 1.60 -26.34 -15.13
C GLN A 127 1.07 -25.55 -13.91
N PHE A 128 -0.23 -25.25 -13.89
CA PHE A 128 -0.83 -24.38 -12.88
C PHE A 128 -2.23 -24.87 -12.54
N THR A 129 -2.58 -24.87 -11.26
CA THR A 129 -3.96 -25.06 -10.83
C THR A 129 -4.26 -23.99 -9.80
N VAL A 130 -5.54 -23.80 -9.51
CA VAL A 130 -5.97 -22.87 -8.48
C VAL A 130 -6.99 -23.55 -7.57
N LYS A 131 -6.96 -23.23 -6.26
CA LYS A 131 -8.04 -23.66 -5.34
C LYS A 131 -8.64 -22.49 -4.57
N ALA A 132 -9.97 -22.53 -4.40
CA ALA A 132 -10.69 -21.66 -3.48
C ALA A 132 -10.36 -21.99 -2.03
N GLN A 133 -10.10 -20.93 -1.27
CA GLN A 133 -9.85 -21.02 0.15
C GLN A 133 -11.10 -20.56 0.87
N TYR A 134 -11.62 -21.42 1.75
CA TYR A 134 -12.87 -21.17 2.44
C TYR A 134 -12.70 -20.50 3.80
N ALA A 135 -13.81 -19.93 4.28
CA ALA A 135 -13.92 -19.34 5.60
C ALA A 135 -13.33 -20.28 6.69
N ASP A 136 -13.77 -21.54 6.71
CA ASP A 136 -13.36 -22.50 7.76
C ASP A 136 -11.92 -23.03 7.62
N GLY A 137 -11.22 -22.56 6.60
CA GLY A 137 -9.77 -22.82 6.43
C GLY A 137 -9.44 -23.89 5.41
N SER A 138 -10.45 -24.69 5.08
CA SER A 138 -10.35 -25.73 4.06
C SER A 138 -10.28 -25.17 2.63
N LEU A 139 -9.88 -26.03 1.70
CA LEU A 139 -9.68 -25.68 0.29
C LEU A 139 -10.60 -26.50 -0.61
N SER A 140 -11.00 -25.92 -1.74
CA SER A 140 -11.79 -26.63 -2.76
C SER A 140 -10.95 -27.69 -3.48
N VAL A 141 -11.61 -28.56 -4.26
CA VAL A 141 -10.89 -29.34 -5.27
C VAL A 141 -10.11 -28.37 -6.19
N ALA A 142 -8.99 -28.84 -6.77
CA ALA A 142 -8.19 -28.06 -7.70
C ALA A 142 -9.02 -27.79 -8.96
N SER A 143 -8.71 -26.68 -9.63
CA SER A 143 -9.25 -26.45 -10.96
C SER A 143 -8.57 -27.45 -11.92
N LYS A 144 -9.23 -27.72 -13.05
CA LYS A 144 -8.58 -28.28 -14.23
C LYS A 144 -7.26 -27.51 -14.39
N PRO A 145 -6.12 -28.22 -14.54
CA PRO A 145 -4.86 -27.54 -14.75
C PRO A 145 -4.77 -26.82 -16.10
N ILE A 146 -3.79 -25.93 -16.18
CA ILE A 146 -3.38 -25.38 -17.44
C ILE A 146 -1.89 -25.53 -17.47
N THR A 147 -1.37 -25.68 -18.68
CA THR A 147 0.05 -25.51 -18.96
C THR A 147 0.19 -24.21 -19.75
N ALA A 148 1.26 -23.49 -19.46
CA ALA A 148 1.57 -22.23 -20.09
C ALA A 148 3.07 -22.08 -20.21
N LYS A 149 3.53 -21.41 -21.25
CA LYS A 149 4.94 -21.34 -21.57
C LYS A 149 5.40 -19.90 -21.72
N THR A 150 6.47 -19.59 -21.01
CA THR A 150 7.14 -18.31 -21.14
C THR A 150 7.69 -18.18 -22.55
N SER A 151 7.90 -16.95 -22.95
CA SER A 151 8.42 -16.67 -24.26
C SER A 151 9.94 -16.68 -24.21
N ALA A 152 10.54 -16.59 -25.39
CA ALA A 152 11.98 -16.40 -25.49
C ALA A 152 12.29 -14.98 -25.13
N LYS A 153 13.48 -14.77 -24.55
CA LYS A 153 14.00 -13.43 -24.29
C LYS A 153 14.04 -12.64 -25.58
N PRO A 154 13.41 -11.43 -25.60
CA PRO A 154 13.24 -10.65 -26.84
C PRO A 154 14.48 -9.86 -27.27
N GLN A 155 14.62 -9.58 -28.57
CA GLN A 155 15.51 -8.52 -29.04
C GLN A 155 15.08 -7.28 -28.24
N ILE A 156 16.04 -6.51 -27.75
CA ILE A 156 15.75 -5.31 -26.98
C ILE A 156 16.26 -4.16 -27.78
N VAL A 157 15.42 -3.15 -27.99
CA VAL A 157 15.76 -1.94 -28.75
C VAL A 157 15.57 -0.72 -27.85
N ASN A 158 16.65 -0.02 -27.51
CA ASN A 158 16.55 1.15 -26.64
C ASN A 158 16.42 2.38 -27.51
N VAL A 159 15.42 3.23 -27.27
CA VAL A 159 15.23 4.44 -28.07
C VAL A 159 16.43 5.41 -27.96
N ARG A 160 17.24 5.28 -26.92
CA ARG A 160 18.38 6.20 -26.71
C ARG A 160 19.48 5.94 -27.76
N ASP A 161 19.52 4.71 -28.30
CA ASP A 161 20.39 4.29 -29.40
C ASP A 161 20.03 4.82 -30.79
N PHE A 162 18.90 5.54 -30.88
CA PHE A 162 18.44 6.21 -32.09
C PHE A 162 18.46 7.71 -31.88
N GLY A 163 19.05 8.12 -30.76
CA GLY A 163 19.18 9.51 -30.41
C GLY A 163 18.03 10.14 -29.64
N ALA A 164 17.21 9.33 -28.97
CA ALA A 164 16.19 9.89 -28.08
C ALA A 164 16.87 10.46 -26.85
N ILE A 165 16.42 11.64 -26.45
CA ILE A 165 17.08 12.42 -25.42
C ILE A 165 16.10 13.20 -24.50
N ASP A 166 16.37 13.13 -23.20
CA ASP A 166 15.58 13.86 -22.21
C ASP A 166 16.11 15.27 -21.81
N ASP A 167 16.67 15.98 -22.80
CA ASP A 167 17.42 17.25 -22.66
C ASP A 167 16.61 18.54 -22.47
N GLY A 168 15.30 18.41 -22.40
CA GLY A 168 14.50 19.58 -22.05
C GLY A 168 13.88 20.38 -23.18
N LYS A 169 14.27 20.12 -24.43
CA LYS A 169 13.33 20.25 -25.55
C LYS A 169 13.74 19.74 -26.98
N THR A 170 14.43 18.59 -27.03
CA THR A 170 14.45 17.79 -28.27
C THR A 170 13.08 17.08 -28.49
N LEU A 171 12.54 17.18 -29.69
CA LEU A 171 11.43 16.35 -30.10
C LEU A 171 11.94 14.95 -30.51
N ASN A 172 11.41 13.92 -29.89
CA ASN A 172 11.97 12.58 -30.07
C ASN A 172 11.23 11.70 -31.02
N THR A 173 10.23 12.26 -31.71
CA THR A 173 9.36 11.44 -32.56
C THR A 173 10.16 10.51 -33.47
N LYS A 174 11.07 11.12 -34.24
CA LYS A 174 11.85 10.42 -35.28
C LYS A 174 12.72 9.34 -34.66
N ALA A 175 13.43 9.66 -33.59
CA ALA A 175 14.19 8.68 -32.82
C ALA A 175 13.34 7.53 -32.38
N ILE A 176 12.22 7.83 -31.75
CA ILE A 176 11.33 6.76 -31.26
C ILE A 176 10.70 5.94 -32.43
N GLN A 177 10.24 6.63 -33.47
CA GLN A 177 9.73 5.93 -34.66
C GLN A 177 10.79 5.08 -35.37
N GLN A 178 12.00 5.61 -35.52
CA GLN A 178 13.15 4.80 -36.03
C GLN A 178 13.36 3.51 -35.24
N ALA A 179 13.38 3.60 -33.90
CA ALA A 179 13.49 2.41 -33.05
C ALA A 179 12.38 1.40 -33.29
N ILE A 180 11.12 1.87 -33.37
CA ILE A 180 9.97 1.01 -33.68
C ILE A 180 10.09 0.38 -35.08
N ASP A 181 10.45 1.20 -36.08
CA ASP A 181 10.63 0.71 -37.47
C ASP A 181 11.68 -0.39 -37.56
N SER A 182 12.73 -0.31 -36.74
CA SER A 182 13.84 -1.27 -36.74
C SER A 182 13.50 -2.59 -36.09
N CYS A 183 12.34 -2.64 -35.44
CA CYS A 183 11.88 -3.87 -34.79
C CYS A 183 11.72 -5.09 -35.66
N LYS A 184 12.31 -6.19 -35.21
CA LYS A 184 11.98 -7.50 -35.75
C LYS A 184 10.81 -8.03 -34.93
N PRO A 185 10.03 -8.99 -35.48
CA PRO A 185 8.98 -9.63 -34.68
C PRO A 185 9.41 -10.13 -33.29
N GLY A 186 8.66 -9.70 -32.27
CA GLY A 186 8.95 -10.11 -30.91
C GLY A 186 9.86 -9.15 -30.18
N CYS A 187 10.32 -8.06 -30.84
CA CYS A 187 11.17 -7.04 -30.21
C CYS A 187 10.46 -6.37 -29.05
N ARG A 188 11.20 -6.09 -27.98
CA ARG A 188 10.80 -5.10 -26.97
C ARG A 188 11.54 -3.77 -27.16
N VAL A 189 10.79 -2.70 -27.45
CA VAL A 189 11.30 -1.35 -27.53
C VAL A 189 11.22 -0.71 -26.14
N GLU A 190 12.34 -0.14 -25.67
CA GLU A 190 12.48 0.40 -24.33
C GLU A 190 12.60 1.90 -24.40
N ILE A 191 11.77 2.56 -23.59
CA ILE A 191 11.98 3.96 -23.23
C ILE A 191 12.49 3.94 -21.75
N PRO A 192 13.76 4.31 -21.54
CA PRO A 192 14.33 4.29 -20.21
C PRO A 192 13.89 5.51 -19.41
N ALA A 193 14.33 5.63 -18.13
CA ALA A 193 14.08 6.84 -17.30
C ALA A 193 14.34 8.16 -18.03
N GLY A 194 13.52 9.15 -17.73
CA GLY A 194 13.66 10.44 -18.38
C GLY A 194 12.36 10.86 -19.05
N THR A 195 12.25 12.13 -19.37
CA THR A 195 11.07 12.67 -19.99
C THR A 195 11.41 12.86 -21.46
N TYR A 196 10.65 12.19 -22.34
CA TYR A 196 10.85 12.29 -23.80
C TYR A 196 9.64 12.88 -24.43
N LYS A 197 9.79 14.10 -24.90
CA LYS A 197 8.72 14.74 -25.64
C LYS A 197 8.66 14.10 -27.05
N SER A 198 7.44 13.88 -27.53
CA SER A 198 7.20 13.14 -28.75
C SER A 198 5.87 13.57 -29.39
N GLY A 199 5.80 13.54 -30.72
CA GLY A 199 4.53 13.62 -31.51
C GLY A 199 3.94 12.24 -31.67
N ALA A 200 2.87 12.12 -32.47
CA ALA A 200 2.26 10.79 -32.79
C ALA A 200 3.24 9.70 -33.17
N LEU A 201 3.11 8.52 -32.56
CA LEU A 201 3.94 7.38 -32.92
C LEU A 201 3.03 6.30 -33.52
N TRP A 202 3.61 5.44 -34.35
CA TRP A 202 2.84 4.44 -35.07
C TRP A 202 3.40 3.10 -34.77
N LEU A 203 2.61 2.25 -34.11
CA LEU A 203 3.09 0.92 -33.76
C LEU A 203 2.85 -0.04 -34.93
N LYS A 204 3.43 -1.24 -34.80
CA LYS A 204 3.27 -2.27 -35.79
C LYS A 204 3.05 -3.59 -35.07
N SER A 205 2.67 -4.61 -35.82
CA SER A 205 2.42 -5.94 -35.25
C SER A 205 3.63 -6.49 -34.53
N ASP A 206 3.36 -7.43 -33.62
CA ASP A 206 4.40 -8.28 -33.04
C ASP A 206 5.54 -7.53 -32.38
N MET A 207 5.15 -6.65 -31.43
CA MET A 207 6.15 -5.90 -30.66
C MET A 207 5.61 -5.46 -29.30
N THR A 208 6.53 -5.08 -28.42
CA THR A 208 6.21 -4.56 -27.11
C THR A 208 6.90 -3.19 -26.99
N LEU A 209 6.17 -2.18 -26.55
CA LEU A 209 6.75 -0.91 -26.19
C LEU A 209 6.80 -0.93 -24.67
N ASN A 210 7.99 -0.91 -24.08
CA ASN A 210 8.11 -0.89 -22.65
C ASN A 210 8.52 0.48 -22.11
N LEU A 211 7.66 1.03 -21.24
CA LEU A 211 7.96 2.31 -20.59
C LEU A 211 8.51 1.99 -19.19
N GLN A 212 9.81 2.16 -19.03
CA GLN A 212 10.53 1.81 -17.80
C GLN A 212 10.22 2.77 -16.67
N ALA A 213 10.51 2.33 -15.44
CA ALA A 213 10.41 3.15 -14.24
C ALA A 213 11.11 4.47 -14.46
N GLY A 214 10.43 5.57 -14.18
CA GLY A 214 11.02 6.88 -14.38
C GLY A 214 10.83 7.44 -15.78
N ALA A 215 10.38 6.62 -16.73
CA ALA A 215 10.11 7.11 -18.10
C ALA A 215 8.84 7.93 -18.16
N ILE A 216 8.88 9.11 -18.79
CA ILE A 216 7.70 9.86 -19.14
C ILE A 216 7.70 10.13 -20.65
N LEU A 217 6.76 9.50 -21.35
CA LEU A 217 6.47 9.86 -22.74
C LEU A 217 5.53 11.06 -22.75
N LEU A 218 6.08 12.21 -23.15
CA LEU A 218 5.35 13.46 -23.09
C LEU A 218 4.85 13.91 -24.47
N GLY A 219 3.56 14.18 -24.60
CA GLY A 219 3.04 14.75 -25.81
C GLY A 219 3.63 16.12 -26.19
N SER A 220 4.01 16.25 -27.47
CA SER A 220 4.22 17.55 -28.09
C SER A 220 2.93 18.36 -27.96
N GLU A 221 3.06 19.65 -27.72
CA GLU A 221 1.94 20.59 -27.74
C GLU A 221 1.65 21.19 -29.15
N ASN A 222 2.45 20.80 -30.14
CA ASN A 222 2.31 21.26 -31.53
C ASN A 222 1.32 20.40 -32.34
N PRO A 223 0.21 21.00 -32.80
CA PRO A 223 -0.75 20.23 -33.61
C PRO A 223 -0.18 19.51 -34.85
N ASP A 224 0.93 20.00 -35.42
CA ASP A 224 1.60 19.44 -36.61
C ASP A 224 2.26 18.12 -36.32
N ASP A 225 2.51 17.88 -35.04
CA ASP A 225 3.13 16.62 -34.64
C ASP A 225 2.11 15.48 -34.57
N TYR A 226 0.83 15.79 -34.81
CA TYR A 226 -0.24 14.79 -34.86
C TYR A 226 -0.99 14.87 -36.20
N PRO A 227 -0.49 14.16 -37.22
CA PRO A 227 -1.14 14.23 -38.54
C PRO A 227 -2.43 13.42 -38.57
N ALA A 228 -3.11 13.40 -39.73
CA ALA A 228 -4.40 12.74 -39.86
C ALA A 228 -4.31 11.33 -39.31
N GLY A 229 -5.31 10.96 -38.51
CA GLY A 229 -5.32 9.65 -37.83
C GLY A 229 -6.40 8.73 -38.34
N TYR A 230 -7.67 9.07 -38.11
CA TYR A 230 -8.77 8.13 -38.34
C TYR A 230 -10.11 8.85 -38.31
N ARG A 231 -11.10 8.18 -38.87
CA ARG A 231 -12.49 8.48 -38.66
C ARG A 231 -13.01 7.35 -37.76
N LEU A 232 -13.82 7.72 -36.77
CA LEU A 232 -14.29 6.82 -35.72
C LEU A 232 -15.01 5.59 -36.24
N TYR A 233 -16.01 5.83 -37.09
CA TYR A 233 -16.79 4.79 -37.75
C TYR A 233 -16.62 4.96 -39.25
N PRO A 234 -16.91 3.90 -40.04
CA PRO A 234 -16.79 4.01 -41.52
C PRO A 234 -17.63 5.14 -42.15
N TYR A 235 -18.73 5.49 -41.48
CA TYR A 235 -19.70 6.50 -41.90
C TYR A 235 -19.50 7.86 -41.18
N SER A 236 -18.45 7.98 -40.37
CA SER A 236 -18.09 9.26 -39.72
C SER A 236 -17.46 10.16 -40.78
N THR A 237 -17.77 11.45 -40.76
CA THR A 237 -17.32 12.33 -41.86
C THR A 237 -16.12 13.26 -41.57
N ILE A 238 -15.88 13.50 -40.27
CA ILE A 238 -14.78 14.33 -39.80
C ILE A 238 -13.60 13.41 -39.37
N GLU A 239 -12.45 13.69 -39.97
CA GLU A 239 -11.21 13.01 -39.66
C GLU A 239 -10.62 13.56 -38.35
N ARG A 240 -10.17 12.66 -37.49
CA ARG A 240 -9.58 13.03 -36.20
C ARG A 240 -8.05 12.96 -36.34
N PRO A 241 -7.32 13.73 -35.53
CA PRO A 241 -5.88 13.60 -35.59
C PRO A 241 -5.40 12.29 -34.99
N ALA A 242 -4.14 11.97 -35.26
CA ALA A 242 -3.48 10.87 -34.60
C ALA A 242 -3.39 11.15 -33.07
N SER A 243 -3.31 10.08 -32.31
CA SER A 243 -3.19 10.11 -30.86
C SER A 243 -1.71 10.09 -30.63
N LEU A 244 -1.28 10.11 -29.37
CA LEU A 244 0.13 10.06 -29.06
C LEU A 244 0.65 8.67 -29.41
N ILE A 245 -0.12 7.62 -29.09
CA ILE A 245 0.29 6.27 -29.51
C ILE A 245 -0.80 5.66 -30.38
N ASN A 246 -0.37 5.12 -31.52
CA ASN A 246 -1.31 4.59 -32.54
C ASN A 246 -1.00 3.22 -33.04
N ALA A 247 -2.05 2.42 -33.24
CA ALA A 247 -2.00 1.25 -34.14
C ALA A 247 -3.16 1.51 -35.09
N ILE A 248 -2.89 2.18 -36.19
CA ILE A 248 -3.92 2.65 -37.11
C ILE A 248 -3.43 2.49 -38.54
N ASP A 249 -4.06 1.58 -39.27
CA ASP A 249 -3.78 1.40 -40.68
C ASP A 249 -4.60 2.43 -41.47
N PRO A 250 -3.93 3.16 -42.40
CA PRO A 250 -4.52 4.28 -43.11
C PRO A 250 -5.86 3.97 -43.80
N ASN A 251 -6.09 2.72 -44.18
CA ASN A 251 -7.32 2.44 -44.92
C ASN A 251 -8.30 1.57 -44.12
N ASN A 252 -7.73 0.70 -43.28
CA ASN A 252 -8.41 -0.48 -42.80
C ASN A 252 -8.56 -0.60 -41.29
N SER A 253 -9.78 -0.91 -40.87
CA SER A 253 -10.09 -1.05 -39.45
C SER A 253 -10.36 -2.48 -38.98
N LYS A 254 -10.41 -3.43 -39.90
CA LYS A 254 -10.81 -4.82 -39.62
C LYS A 254 -9.90 -5.51 -38.60
N PRO A 255 -10.52 -6.21 -37.61
CA PRO A 255 -9.72 -6.98 -36.65
C PRO A 255 -8.72 -7.90 -37.36
N GLY A 256 -7.45 -7.84 -36.97
CA GLY A 256 -6.39 -8.56 -37.66
C GLY A 256 -5.56 -7.77 -38.64
N THR A 257 -5.87 -6.49 -38.84
CA THR A 257 -4.97 -5.57 -39.56
C THR A 257 -3.58 -5.57 -38.85
N PHE A 258 -3.61 -5.60 -37.53
CA PHE A 258 -2.41 -5.75 -36.71
C PHE A 258 -2.64 -6.93 -35.82
N ARG A 259 -1.58 -7.44 -35.25
CA ARG A 259 -1.72 -8.45 -34.23
C ARG A 259 -0.60 -8.33 -33.22
N ASN A 260 -0.89 -8.87 -32.05
CA ASN A 260 0.10 -9.02 -30.99
C ASN A 260 0.83 -7.72 -30.65
N ILE A 261 0.07 -6.73 -30.22
CA ILE A 261 0.69 -5.48 -29.73
C ILE A 261 0.63 -5.41 -28.19
N ARG A 262 1.79 -5.13 -27.58
CA ARG A 262 1.95 -5.06 -26.12
C ARG A 262 2.55 -3.72 -25.72
N ILE A 263 1.94 -3.06 -24.72
CA ILE A 263 2.49 -1.83 -24.16
C ILE A 263 2.55 -1.99 -22.64
N THR A 264 3.74 -1.85 -22.05
CA THR A 264 3.94 -2.36 -20.71
C THR A 264 4.85 -1.42 -19.95
N GLY A 265 5.09 -1.77 -18.68
CA GLY A 265 6.07 -1.05 -17.88
C GLY A 265 5.41 -0.03 -16.99
N SER A 266 6.14 0.44 -15.99
CA SER A 266 5.61 1.32 -14.98
C SER A 266 5.77 2.83 -15.23
N GLY A 267 6.32 3.23 -16.37
CA GLY A 267 6.40 4.62 -16.78
C GLY A 267 5.07 5.27 -17.10
N VAL A 268 5.13 6.55 -17.40
CA VAL A 268 3.96 7.40 -17.54
C VAL A 268 3.83 7.83 -19.01
N ILE A 269 2.59 7.80 -19.52
CA ILE A 269 2.25 8.45 -20.80
C ILE A 269 1.42 9.68 -20.52
N ASP A 270 1.99 10.82 -20.86
CA ASP A 270 1.37 12.08 -20.54
C ASP A 270 1.03 12.81 -21.86
N GLY A 271 -0.22 13.11 -22.11
CA GLY A 271 -0.65 13.61 -23.42
C GLY A 271 -0.51 15.12 -23.61
N ASN A 272 -0.15 15.81 -22.52
CA ASN A 272 0.12 17.24 -22.54
C ASN A 272 -1.10 18.05 -22.97
N GLY A 273 -2.29 17.59 -22.56
CA GLY A 273 -3.53 18.15 -23.09
C GLY A 273 -3.95 19.47 -22.46
N TRP A 274 -3.73 19.56 -21.15
CA TRP A 274 -4.38 20.54 -20.28
C TRP A 274 -3.47 21.14 -19.21
N LEU A 275 -3.82 22.34 -18.77
CA LEU A 275 -3.20 22.90 -17.59
C LEU A 275 -3.76 22.20 -16.33
N ARG A 276 -3.05 22.31 -15.20
CA ARG A 276 -3.54 21.85 -13.91
C ARG A 276 -4.76 22.69 -13.49
N ALA A 277 -5.59 22.14 -12.61
CA ALA A 277 -6.68 22.88 -12.02
C ALA A 277 -6.14 23.89 -10.98
N LYS A 278 -6.95 24.84 -10.53
CA LYS A 278 -6.55 25.80 -9.47
C LYS A 278 -5.88 25.09 -8.25
N THR A 279 -6.49 24.02 -7.76
CA THR A 279 -5.81 23.09 -6.88
C THR A 279 -5.21 21.97 -7.74
N ALA A 280 -3.91 22.08 -7.97
CA ALA A 280 -3.19 21.40 -9.02
C ALA A 280 -2.91 19.93 -8.69
N GLU A 281 -2.94 19.63 -7.39
CA GLU A 281 -2.53 18.34 -6.87
C GLU A 281 -3.37 18.14 -5.60
N ILE A 282 -3.82 16.92 -5.39
CA ILE A 282 -4.47 16.55 -4.14
C ILE A 282 -3.77 15.37 -3.48
N THR A 283 -4.04 15.18 -2.20
CA THR A 283 -3.59 14.04 -1.46
C THR A 283 -4.79 13.12 -1.41
N ASP A 284 -4.65 11.90 -1.93
CA ASP A 284 -5.81 10.98 -1.99
C ASP A 284 -6.06 10.23 -0.63
N GLU A 285 -7.03 9.31 -0.63
CA GLU A 285 -7.45 8.53 0.56
C GLU A 285 -6.35 7.60 1.15
N LEU A 286 -5.31 7.32 0.37
CA LEU A 286 -4.11 6.63 0.84
C LEU A 286 -2.94 7.54 1.20
N GLY A 287 -3.15 8.85 1.09
CA GLY A 287 -2.11 9.85 1.34
C GLY A 287 -1.14 9.98 0.19
N ARG A 288 -1.55 9.51 -0.97
CA ARG A 288 -0.73 9.62 -2.20
C ARG A 288 -1.18 10.81 -3.02
N SER A 289 -0.29 11.37 -3.79
CA SER A 289 -0.75 12.50 -4.57
C SER A 289 -1.39 12.14 -5.92
N LEU A 290 -2.50 12.81 -6.23
CA LEU A 290 -3.09 12.74 -7.56
C LEU A 290 -2.96 14.07 -8.27
N PRO A 291 -2.62 14.03 -9.60
CA PRO A 291 -2.67 15.28 -10.37
C PRO A 291 -4.12 15.69 -10.61
N GLN A 292 -4.33 16.99 -10.76
CA GLN A 292 -5.65 17.55 -11.05
C GLN A 292 -5.59 18.46 -12.28
N TYR A 293 -6.33 18.05 -13.33
CA TYR A 293 -6.40 18.73 -14.65
C TYR A 293 -7.64 19.59 -14.72
N VAL A 294 -7.48 20.76 -15.32
CA VAL A 294 -8.58 21.70 -15.38
C VAL A 294 -9.73 21.07 -16.18
N ALA A 295 -10.96 21.21 -15.65
CA ALA A 295 -12.23 20.82 -16.32
C ALA A 295 -12.65 21.93 -17.29
N SER A 296 -12.46 21.73 -18.59
CA SER A 296 -12.75 22.84 -19.50
C SER A 296 -14.02 22.62 -20.35
N LYS A 297 -14.26 23.56 -21.25
CA LYS A 297 -15.35 23.44 -22.26
C LYS A 297 -14.89 24.13 -23.54
N ASN A 298 -15.65 24.00 -24.61
CA ASN A 298 -15.19 24.53 -25.90
C ASN A 298 -14.88 26.02 -25.87
N SER A 299 -15.61 26.81 -25.10
CA SER A 299 -15.38 28.26 -25.05
C SER A 299 -14.28 28.66 -24.07
N LYS A 300 -13.75 27.69 -23.33
CA LYS A 300 -12.74 27.99 -22.33
C LYS A 300 -11.40 27.40 -22.69
N VAL A 301 -11.32 26.59 -23.74
CA VAL A 301 -10.09 25.84 -24.04
C VAL A 301 -8.90 26.77 -24.38
N HIS A 302 -9.19 27.97 -24.88
CA HIS A 302 -8.13 28.93 -25.16
C HIS A 302 -7.43 29.38 -23.86
N GLU A 303 -8.13 29.42 -22.74
CA GLU A 303 -7.44 29.63 -21.44
C GLU A 303 -6.94 28.32 -20.76
N ASP A 304 -7.58 27.19 -21.01
CA ASP A 304 -7.33 25.98 -20.18
C ASP A 304 -6.39 24.95 -20.82
N GLY A 305 -6.31 24.94 -22.16
CA GLY A 305 -5.70 23.83 -22.89
C GLY A 305 -4.22 24.03 -23.06
N ILE A 306 -3.50 22.94 -23.33
CA ILE A 306 -2.12 23.00 -23.81
C ILE A 306 -2.11 22.45 -25.23
N LEU A 307 -1.85 21.17 -25.44
CA LEU A 307 -2.12 20.61 -26.77
C LEU A 307 -3.59 20.86 -27.24
N ALA A 308 -4.56 20.65 -26.32
CA ALA A 308 -5.98 20.86 -26.58
C ALA A 308 -6.34 22.26 -27.10
N LYS A 309 -5.79 23.29 -26.44
CA LYS A 309 -5.86 24.66 -26.88
C LYS A 309 -5.29 24.85 -28.30
N ASN A 310 -4.05 24.42 -28.52
CA ASN A 310 -3.40 24.59 -29.80
C ASN A 310 -4.10 23.86 -30.96
N GLN A 311 -4.57 22.65 -30.69
CA GLN A 311 -5.27 21.87 -31.71
C GLN A 311 -6.62 22.47 -32.07
N VAL A 312 -7.34 22.99 -31.06
CA VAL A 312 -8.64 23.65 -31.33
C VAL A 312 -8.47 24.99 -32.11
N GLU A 313 -7.48 25.79 -31.72
CA GLU A 313 -7.07 26.97 -32.46
C GLU A 313 -6.71 26.73 -33.93
N LYS A 314 -5.87 25.74 -34.17
CA LYS A 314 -5.55 25.34 -35.52
C LYS A 314 -6.82 24.87 -36.33
N ALA A 315 -7.76 24.17 -35.68
CA ALA A 315 -8.92 23.64 -36.39
C ALA A 315 -9.94 24.72 -36.79
N VAL A 316 -10.13 25.70 -35.91
CA VAL A 316 -11.01 26.84 -36.13
C VAL A 316 -10.44 27.76 -37.26
N SER A 317 -9.12 27.92 -37.25
CA SER A 317 -8.48 28.75 -38.28
C SER A 317 -8.45 28.05 -39.63
N ASP A 318 -8.40 26.70 -39.61
CA ASP A 318 -8.63 25.85 -40.80
C ASP A 318 -10.10 25.85 -41.30
N GLY A 319 -11.02 26.42 -40.54
CA GLY A 319 -12.40 26.56 -40.97
C GLY A 319 -13.53 25.90 -40.18
N MET A 320 -13.20 25.03 -39.21
CA MET A 320 -14.24 24.36 -38.37
C MET A 320 -14.87 25.37 -37.45
N ASP A 321 -16.14 25.25 -37.11
CA ASP A 321 -16.58 26.02 -35.96
C ASP A 321 -15.93 25.45 -34.64
N LEU A 322 -15.97 26.21 -33.57
CA LEU A 322 -15.41 25.83 -32.28
C LEU A 322 -15.95 24.52 -31.72
N LYS A 323 -17.24 24.27 -31.90
CA LYS A 323 -17.89 23.05 -31.42
C LYS A 323 -17.31 21.76 -32.02
N ASN A 324 -17.13 21.72 -33.36
CA ASN A 324 -16.56 20.55 -34.02
C ASN A 324 -15.05 20.45 -33.83
N ALA A 325 -14.39 21.59 -33.68
CA ALA A 325 -12.97 21.65 -33.44
C ALA A 325 -12.69 21.02 -32.05
N TYR A 326 -13.44 21.44 -31.04
CA TYR A 326 -13.37 20.88 -29.69
C TYR A 326 -13.73 19.37 -29.68
N GLY A 327 -14.81 19.06 -30.38
CA GLY A 327 -15.41 17.72 -30.39
C GLY A 327 -14.61 16.67 -31.13
N GLN A 328 -13.77 17.11 -32.07
CA GLN A 328 -13.17 16.14 -32.97
C GLN A 328 -11.69 16.28 -33.17
N ARG A 329 -11.17 17.46 -32.91
CA ARG A 329 -9.81 17.73 -33.39
C ARG A 329 -8.71 17.71 -32.29
N ARG A 330 -9.04 17.23 -31.11
CA ARG A 330 -8.06 17.04 -30.01
C ARG A 330 -7.57 15.63 -30.08
N SER A 331 -6.28 15.42 -29.99
CA SER A 331 -5.71 14.07 -29.96
C SER A 331 -6.02 13.30 -28.68
N SER A 332 -6.50 12.09 -28.83
CA SER A 332 -6.62 11.18 -27.72
C SER A 332 -5.22 10.65 -27.34
N LEU A 333 -5.14 10.00 -26.19
CA LEU A 333 -3.86 9.50 -25.76
C LEU A 333 -3.40 8.26 -26.55
N MET A 334 -4.31 7.36 -26.79
CA MET A 334 -3.96 6.09 -27.41
C MET A 334 -5.13 5.61 -28.22
N THR A 335 -4.86 5.27 -29.47
CA THR A 335 -5.87 4.68 -30.35
C THR A 335 -5.30 3.44 -31.04
N LEU A 336 -5.93 2.29 -30.81
CA LEU A 336 -5.50 0.99 -31.35
C LEU A 336 -6.71 0.44 -32.05
N ARG A 337 -6.57 0.18 -33.34
CA ARG A 337 -7.70 -0.09 -34.23
C ARG A 337 -7.35 -1.27 -35.13
N GLY A 338 -8.19 -2.30 -35.11
CA GLY A 338 -7.98 -3.51 -35.90
C GLY A 338 -6.94 -4.51 -35.40
N VAL A 339 -6.59 -4.45 -34.12
CA VAL A 339 -5.56 -5.31 -33.55
C VAL A 339 -6.15 -6.56 -32.96
N GLU A 340 -5.58 -7.69 -33.36
CA GLU A 340 -5.89 -8.98 -32.77
C GLU A 340 -4.81 -9.33 -31.74
N ASN A 341 -5.21 -9.38 -30.46
CA ASN A 341 -4.28 -9.58 -29.31
C ASN A 341 -3.52 -8.33 -28.87
N VAL A 342 -4.02 -7.70 -27.80
CA VAL A 342 -3.41 -6.50 -27.24
C VAL A 342 -3.20 -6.72 -25.72
N TYR A 343 -1.99 -6.50 -25.25
CA TYR A 343 -1.76 -6.48 -23.82
C TYR A 343 -1.22 -5.11 -23.36
N LEU A 344 -1.99 -4.47 -22.47
CA LEU A 344 -1.61 -3.19 -21.84
C LEU A 344 -1.36 -3.45 -20.34
N ALA A 345 -0.18 -3.10 -19.84
CA ALA A 345 0.08 -3.38 -18.43
C ALA A 345 1.00 -2.36 -17.75
N GLY A 346 0.71 -2.09 -16.48
CA GLY A 346 1.60 -1.34 -15.61
C GLY A 346 1.66 0.16 -15.71
N PHE A 347 1.43 0.73 -16.89
CA PHE A 347 1.72 2.16 -17.14
C PHE A 347 0.73 3.14 -16.54
N THR A 348 1.19 4.38 -16.31
CA THR A 348 0.33 5.47 -15.83
C THR A 348 -0.13 6.37 -16.99
N VAL A 349 -1.41 6.73 -17.00
CA VAL A 349 -1.89 7.60 -18.07
C VAL A 349 -2.21 8.90 -17.45
N ARG A 350 -1.66 9.97 -18.00
CA ARG A 350 -1.99 11.32 -17.51
C ARG A 350 -2.34 12.25 -18.62
N ASN A 351 -3.22 13.21 -18.33
CA ASN A 351 -3.33 14.46 -19.10
C ASN A 351 -3.63 14.30 -20.62
N PRO A 352 -4.67 13.52 -21.03
CA PRO A 352 -4.91 13.36 -22.47
C PRO A 352 -5.44 14.70 -23.04
N ALA A 353 -5.18 15.02 -24.31
CA ALA A 353 -5.89 16.16 -24.92
C ALA A 353 -7.36 15.85 -25.20
N PHE A 354 -7.73 14.57 -25.28
CA PHE A 354 -9.13 14.13 -25.59
C PHE A 354 -9.34 12.85 -24.79
N HIS A 355 -9.58 11.71 -25.44
CA HIS A 355 -9.88 10.44 -24.73
C HIS A 355 -8.61 9.86 -24.20
N GLY A 356 -8.66 8.93 -23.24
CA GLY A 356 -7.45 8.20 -22.81
C GLY A 356 -7.13 7.04 -23.74
N ILE A 357 -7.43 5.81 -23.35
CA ILE A 357 -7.13 4.64 -24.18
C ILE A 357 -8.36 4.16 -25.03
N MET A 358 -8.15 4.12 -26.34
CA MET A 358 -9.21 3.74 -27.29
C MET A 358 -8.84 2.42 -28.00
N ASN A 359 -9.77 1.48 -27.94
CA ASN A 359 -9.71 0.24 -28.65
C ASN A 359 -10.86 0.24 -29.61
N LEU A 360 -10.55 0.16 -30.89
CA LEU A 360 -11.58 0.25 -31.92
C LEU A 360 -11.39 -1.02 -32.75
N GLU A 361 -12.41 -1.87 -32.81
CA GLU A 361 -12.34 -3.09 -33.64
C GLU A 361 -11.13 -4.00 -33.31
N ASN A 362 -10.81 -4.12 -32.01
CA ASN A 362 -9.81 -5.07 -31.55
C ASN A 362 -10.44 -6.38 -31.07
N HIS A 363 -9.67 -7.46 -31.12
CA HIS A 363 -10.03 -8.69 -30.48
C HIS A 363 -9.02 -9.01 -29.39
N ASN A 364 -9.49 -9.63 -28.32
CA ASN A 364 -8.59 -10.19 -27.30
C ASN A 364 -7.69 -9.12 -26.64
N VAL A 365 -8.30 -8.15 -25.97
CA VAL A 365 -7.56 -7.02 -25.35
C VAL A 365 -7.54 -7.26 -23.85
N VAL A 366 -6.39 -7.07 -23.24
CA VAL A 366 -6.24 -7.15 -21.78
C VAL A 366 -5.61 -5.81 -21.31
N ALA A 367 -6.22 -5.17 -20.31
CA ALA A 367 -5.59 -4.05 -19.66
C ALA A 367 -5.35 -4.47 -18.19
N ASN A 368 -4.08 -4.59 -17.81
CA ASN A 368 -3.73 -5.17 -16.49
C ASN A 368 -2.91 -4.16 -15.68
N GLY A 369 -3.48 -3.63 -14.62
CA GLY A 369 -2.73 -2.77 -13.69
C GLY A 369 -2.36 -1.40 -14.24
N LEU A 370 -3.19 -0.86 -15.14
CA LEU A 370 -2.97 0.50 -15.61
C LEU A 370 -3.39 1.48 -14.53
N ILE A 371 -2.71 2.61 -14.50
CA ILE A 371 -3.09 3.68 -13.57
C ILE A 371 -3.51 4.91 -14.36
N HIS A 372 -4.78 5.29 -14.26
CA HIS A 372 -5.34 6.42 -15.03
C HIS A 372 -5.46 7.57 -14.06
N GLN A 373 -4.73 8.65 -14.32
CA GLN A 373 -4.83 9.87 -13.53
C GLN A 373 -5.14 11.01 -14.50
N THR A 374 -6.42 11.14 -14.83
CA THR A 374 -6.85 12.11 -15.87
C THR A 374 -7.98 13.02 -15.45
N TYR A 375 -8.39 12.96 -14.20
CA TYR A 375 -9.34 13.94 -13.62
C TYR A 375 -8.76 15.39 -13.67
N ASP A 376 -9.51 16.38 -14.17
CA ASP A 376 -10.84 16.22 -14.78
C ASP A 376 -10.74 16.70 -16.25
N ALA A 377 -9.81 16.14 -17.03
CA ALA A 377 -9.70 16.43 -18.49
C ALA A 377 -11.01 16.08 -19.25
N ASN A 378 -11.57 17.12 -19.89
CA ASN A 378 -12.81 17.02 -20.61
C ASN A 378 -12.72 15.96 -21.71
N ASN A 379 -13.63 14.99 -21.62
CA ASN A 379 -13.69 13.74 -22.41
C ASN A 379 -12.55 12.74 -22.19
N GLY A 380 -11.81 12.91 -21.09
CA GLY A 380 -10.68 12.02 -20.83
C GLY A 380 -11.19 10.76 -20.14
N ASP A 381 -11.85 9.88 -20.91
CA ASP A 381 -12.28 8.60 -20.35
C ASP A 381 -11.10 7.69 -20.20
N GLY A 382 -11.19 6.68 -19.34
CA GLY A 382 -10.07 5.78 -19.03
C GLY A 382 -9.79 4.85 -20.19
N ILE A 383 -10.73 3.94 -20.46
CA ILE A 383 -10.63 3.00 -21.58
C ILE A 383 -11.94 2.96 -22.31
N GLU A 384 -11.88 3.27 -23.60
CA GLU A 384 -13.00 3.05 -24.48
C GLU A 384 -12.83 1.73 -25.22
N PHE A 385 -13.91 0.96 -25.26
CA PHE A 385 -13.95 -0.24 -26.09
C PHE A 385 -15.02 0.01 -27.17
N GLY A 386 -14.62 -0.03 -28.44
CA GLY A 386 -15.52 0.35 -29.54
C GLY A 386 -15.60 -0.78 -30.52
N ASN A 387 -16.75 -1.45 -30.60
CA ASN A 387 -16.95 -2.59 -31.57
C ASN A 387 -15.83 -3.60 -31.49
N SER A 388 -15.37 -3.83 -30.27
CA SER A 388 -14.31 -4.78 -29.97
C SER A 388 -14.91 -6.10 -29.39
N GLN A 389 -14.14 -7.17 -29.34
CA GLN A 389 -14.63 -8.42 -28.77
C GLN A 389 -13.61 -9.06 -27.89
N ASN A 390 -14.06 -9.72 -26.83
CA ASN A 390 -13.17 -10.42 -25.89
C ASN A 390 -12.17 -9.47 -25.22
N VAL A 391 -12.70 -8.59 -24.38
CA VAL A 391 -11.86 -7.60 -23.65
C VAL A 391 -11.85 -7.85 -22.09
N MET A 392 -10.74 -7.49 -21.45
CA MET A 392 -10.51 -7.81 -20.03
C MET A 392 -9.74 -6.66 -19.38
N VAL A 393 -10.28 -6.14 -18.28
CA VAL A 393 -9.65 -5.11 -17.51
C VAL A 393 -9.56 -5.62 -16.07
N PHE A 394 -8.36 -5.64 -15.51
CA PHE A 394 -8.17 -6.02 -14.07
C PHE A 394 -7.02 -5.29 -13.44
N ASN A 395 -7.11 -5.10 -12.13
CA ASN A 395 -6.08 -4.39 -11.36
C ASN A 395 -5.85 -2.93 -11.71
N ASN A 396 -6.79 -2.34 -12.48
CA ASN A 396 -6.67 -0.92 -12.84
C ASN A 396 -7.04 -0.02 -11.68
N PHE A 397 -6.34 1.09 -11.56
CA PHE A 397 -6.77 2.23 -10.77
C PHE A 397 -7.36 3.31 -11.73
N PHE A 398 -8.62 3.72 -11.57
CA PHE A 398 -9.26 4.77 -12.41
C PHE A 398 -9.51 6.08 -11.63
N ASP A 399 -8.86 7.18 -12.01
CA ASP A 399 -9.31 8.54 -11.59
C ASP A 399 -9.46 9.37 -12.90
N THR A 400 -10.66 9.43 -13.47
CA THR A 400 -10.75 9.88 -14.88
C THR A 400 -11.54 11.18 -15.07
N GLY A 401 -11.21 11.92 -16.12
CA GLY A 401 -11.96 13.10 -16.42
C GLY A 401 -13.34 12.80 -16.99
N ASP A 402 -13.56 11.61 -17.53
CA ASP A 402 -14.88 11.21 -18.06
C ASP A 402 -15.23 9.82 -17.56
N ASP A 403 -15.87 9.00 -18.39
CA ASP A 403 -16.20 7.60 -17.99
C ASP A 403 -14.93 6.82 -17.70
N CYS A 404 -14.95 5.93 -16.70
CA CYS A 404 -13.80 5.07 -16.43
C CYS A 404 -13.63 4.04 -17.58
N ILE A 405 -14.66 3.22 -17.80
CA ILE A 405 -14.69 2.21 -18.88
C ILE A 405 -15.99 2.44 -19.68
N ASN A 406 -15.85 2.68 -20.98
CA ASN A 406 -16.98 2.99 -21.83
C ASN A 406 -17.07 1.95 -22.95
N PHE A 407 -18.28 1.49 -23.25
CA PHE A 407 -18.52 0.56 -24.37
C PHE A 407 -19.32 1.23 -25.43
N ALA A 408 -18.85 1.10 -26.67
CA ALA A 408 -19.45 1.75 -27.84
C ALA A 408 -19.59 0.71 -28.95
N ALA A 409 -20.60 0.90 -29.81
CA ALA A 409 -20.87 -0.01 -30.94
C ALA A 409 -21.49 0.64 -32.21
N GLY A 410 -21.21 1.91 -32.46
CA GLY A 410 -21.74 2.62 -33.61
C GLY A 410 -23.10 3.26 -33.42
N THR A 411 -23.63 3.90 -34.46
CA THR A 411 -24.89 4.67 -34.35
C THR A 411 -25.73 4.51 -35.64
N GLY A 412 -27.00 4.21 -35.50
CA GLY A 412 -27.94 4.26 -36.62
C GLY A 412 -27.90 3.01 -37.48
N GLU A 413 -28.56 3.08 -38.66
CA GLU A 413 -28.73 1.96 -39.59
C GLU A 413 -27.44 1.30 -40.10
N LYS A 414 -26.38 2.10 -40.27
CA LYS A 414 -25.11 1.58 -40.78
C LYS A 414 -24.26 0.87 -39.73
N ALA A 415 -24.71 0.91 -38.46
CA ALA A 415 -23.90 0.44 -37.32
C ALA A 415 -23.37 -0.92 -37.57
N GLN A 416 -24.24 -1.82 -38.01
CA GLN A 416 -23.90 -3.22 -38.31
C GLN A 416 -22.91 -3.47 -39.47
N GLU A 417 -22.48 -2.41 -40.17
CA GLU A 417 -21.22 -2.47 -40.97
C GLU A 417 -20.02 -3.03 -40.12
N GLN A 418 -20.27 -3.17 -38.82
CA GLN A 418 -19.23 -3.47 -37.83
C GLN A 418 -19.76 -4.49 -36.82
N GLU A 419 -18.82 -5.29 -36.31
CA GLU A 419 -18.94 -6.25 -35.22
C GLU A 419 -19.73 -5.70 -34.02
N PRO A 420 -20.51 -6.55 -33.37
CA PRO A 420 -21.00 -6.11 -32.05
C PRO A 420 -19.84 -5.89 -31.05
N MET A 421 -20.05 -4.98 -30.10
CA MET A 421 -19.20 -4.86 -28.94
C MET A 421 -19.55 -6.03 -27.99
N LYS A 422 -18.76 -7.10 -28.03
CA LYS A 422 -19.16 -8.38 -27.43
C LYS A 422 -18.07 -9.07 -26.57
N GLY A 423 -18.38 -9.36 -25.31
CA GLY A 423 -17.43 -10.08 -24.43
C GLY A 423 -16.49 -9.12 -23.68
N ALA A 424 -16.88 -8.71 -22.47
CA ALA A 424 -16.01 -7.86 -21.62
C ALA A 424 -16.02 -8.36 -20.20
N TRP A 425 -14.84 -8.43 -19.58
CA TRP A 425 -14.76 -8.94 -18.23
C TRP A 425 -13.90 -7.98 -17.38
N LEU A 426 -14.52 -7.31 -16.41
CA LEU A 426 -13.92 -6.18 -15.71
C LEU A 426 -13.91 -6.57 -14.26
N PHE A 427 -12.74 -6.84 -13.71
CA PHE A 427 -12.69 -7.37 -12.34
C PHE A 427 -11.50 -6.85 -11.59
N ASN A 428 -11.58 -6.83 -10.25
CA ASN A 428 -10.48 -6.48 -9.36
C ASN A 428 -9.89 -5.07 -9.66
N ASN A 429 -10.75 -4.15 -10.08
CA ASN A 429 -10.35 -2.76 -10.33
C ASN A 429 -10.81 -1.88 -9.20
N TYR A 430 -10.12 -0.76 -9.05
CA TYR A 430 -10.56 0.29 -8.13
C TYR A 430 -10.98 1.53 -8.94
N PHE A 431 -12.25 1.86 -8.87
CA PHE A 431 -12.77 3.04 -9.58
C PHE A 431 -12.78 4.19 -8.58
N ARG A 432 -12.01 5.26 -8.83
CA ARG A 432 -12.13 6.43 -7.99
C ARG A 432 -13.08 7.43 -8.71
N MET A 433 -12.64 8.62 -9.03
CA MET A 433 -13.53 9.58 -9.68
C MET A 433 -13.68 9.19 -11.12
N GLY A 434 -14.85 9.53 -11.70
CA GLY A 434 -15.11 9.27 -13.10
C GLY A 434 -16.60 9.36 -13.33
N HIS A 435 -17.05 9.40 -14.58
CA HIS A 435 -18.49 9.64 -14.83
C HIS A 435 -19.34 8.36 -14.70
N GLY A 436 -18.69 7.21 -14.60
CA GLY A 436 -19.40 5.97 -14.47
C GLY A 436 -18.33 4.97 -14.55
N ALA A 437 -18.38 4.00 -13.64
CA ALA A 437 -17.44 2.90 -13.67
C ALA A 437 -17.61 2.08 -14.97
N ILE A 438 -18.85 1.66 -15.27
CA ILE A 438 -19.13 0.80 -16.44
C ILE A 438 -20.23 1.52 -17.20
N VAL A 439 -19.90 1.99 -18.41
CA VAL A 439 -20.83 2.79 -19.20
C VAL A 439 -21.11 2.08 -20.55
N THR A 440 -22.37 1.73 -20.79
CA THR A 440 -22.80 1.13 -22.07
C THR A 440 -23.91 1.95 -22.75
N GLY A 441 -23.71 2.74 -23.81
CA GLY A 441 -22.52 3.34 -24.25
C GLY A 441 -22.92 4.79 -24.50
N SER A 442 -24.18 4.94 -24.91
CA SER A 442 -24.84 5.87 -25.91
C SER A 442 -24.77 5.35 -27.36
N HIS A 443 -23.58 4.97 -27.82
CA HIS A 443 -23.41 4.37 -29.13
C HIS A 443 -23.66 2.86 -29.06
N THR A 444 -24.92 2.46 -29.30
CA THR A 444 -25.30 1.07 -29.07
C THR A 444 -25.61 0.28 -30.36
N GLY A 445 -25.47 0.95 -31.51
CA GLY A 445 -25.90 0.48 -32.84
C GLY A 445 -25.71 -0.98 -33.22
N ALA A 446 -24.51 -1.50 -33.09
CA ALA A 446 -24.25 -2.91 -33.40
C ALA A 446 -24.42 -3.87 -32.22
N TRP A 447 -24.93 -3.36 -31.09
CA TRP A 447 -25.07 -4.13 -29.83
C TRP A 447 -23.82 -4.09 -28.94
N ILE A 448 -24.04 -3.79 -27.66
CA ILE A 448 -23.08 -4.04 -26.61
C ILE A 448 -23.56 -5.26 -25.81
N GLU A 449 -22.73 -6.28 -25.68
CA GLU A 449 -23.31 -7.47 -25.07
C GLU A 449 -22.28 -8.31 -24.37
N ASP A 450 -22.77 -9.19 -23.48
CA ASP A 450 -21.97 -10.15 -22.74
C ASP A 450 -20.87 -9.44 -21.92
N ILE A 451 -21.30 -8.54 -21.04
CA ILE A 451 -20.42 -7.74 -20.20
C ILE A 451 -20.52 -8.23 -18.76
N LEU A 452 -19.39 -8.58 -18.13
CA LEU A 452 -19.34 -9.00 -16.71
C LEU A 452 -18.32 -8.15 -15.91
N ALA A 453 -18.82 -7.38 -14.97
CA ALA A 453 -18.03 -6.53 -14.12
C ALA A 453 -18.27 -7.07 -12.70
N GLU A 454 -17.24 -7.68 -12.12
CA GLU A 454 -17.41 -8.33 -10.77
C GLU A 454 -16.19 -8.05 -9.95
N ASN A 455 -16.33 -8.09 -8.63
CA ASN A 455 -15.19 -7.99 -7.72
C ASN A 455 -14.35 -6.74 -7.92
N ASN A 456 -15.06 -5.60 -8.06
CA ASN A 456 -14.50 -4.28 -8.12
C ASN A 456 -14.94 -3.45 -6.90
N VAL A 457 -14.17 -2.43 -6.63
CA VAL A 457 -14.58 -1.43 -5.64
C VAL A 457 -14.69 -0.06 -6.30
N MET A 458 -15.71 0.72 -5.94
CA MET A 458 -15.92 2.10 -6.42
C MET A 458 -15.97 3.12 -5.26
N TYR A 459 -15.22 4.21 -5.36
CA TYR A 459 -15.18 5.21 -4.31
C TYR A 459 -15.08 6.56 -4.95
N LEU A 460 -16.12 7.39 -4.78
CA LEU A 460 -16.25 8.77 -5.30
C LEU A 460 -16.67 8.87 -6.76
N THR A 461 -16.76 7.70 -7.40
CA THR A 461 -17.25 7.60 -8.79
C THR A 461 -18.66 8.16 -8.90
N ASP A 462 -19.01 8.70 -10.06
CA ASP A 462 -20.36 9.25 -10.22
C ASP A 462 -21.46 8.18 -10.12
N ILE A 463 -21.27 7.08 -10.82
CA ILE A 463 -22.32 6.10 -11.06
C ILE A 463 -21.61 4.75 -11.16
N GLY A 464 -22.20 3.66 -10.67
CA GLY A 464 -21.65 2.32 -10.84
C GLY A 464 -21.88 1.79 -12.28
N LEU A 465 -23.14 1.71 -12.70
CA LEU A 465 -23.50 1.18 -13.98
C LEU A 465 -24.37 2.20 -14.71
N ARG A 466 -23.90 2.64 -15.87
CA ARG A 466 -24.69 3.56 -16.71
C ARG A 466 -25.00 2.94 -18.10
N ALA A 467 -26.29 2.83 -18.43
CA ALA A 467 -26.76 2.35 -19.73
C ALA A 467 -27.62 3.41 -20.37
N LYS A 468 -27.21 3.85 -21.54
CA LYS A 468 -27.89 4.95 -22.23
C LYS A 468 -27.91 4.74 -23.74
N SER A 469 -29.03 5.17 -24.34
CA SER A 469 -29.19 5.17 -25.78
C SER A 469 -30.38 6.04 -26.18
N THR A 470 -30.52 6.25 -27.49
CA THR A 470 -31.76 6.82 -28.04
C THR A 470 -32.30 5.91 -29.15
N SER A 471 -33.59 6.04 -29.39
CA SER A 471 -34.32 5.25 -30.39
C SER A 471 -33.58 5.00 -31.72
N THR A 472 -33.25 6.10 -32.40
CA THR A 472 -32.66 6.08 -33.74
C THR A 472 -31.19 5.60 -33.83
N ILE A 473 -30.56 5.36 -32.67
CA ILE A 473 -29.22 4.76 -32.61
C ILE A 473 -29.29 3.25 -32.93
N GLY A 474 -30.39 2.61 -32.53
CA GLY A 474 -30.58 1.20 -32.78
C GLY A 474 -29.75 0.35 -31.84
N GLY A 475 -29.89 -0.97 -32.01
CA GLY A 475 -29.17 -1.96 -31.24
C GLY A 475 -29.58 -1.93 -29.78
N GLY A 476 -28.59 -1.69 -28.93
CA GLY A 476 -28.80 -1.55 -27.49
C GLY A 476 -27.70 -2.27 -26.76
N ALA A 477 -28.04 -2.84 -25.60
CA ALA A 477 -27.13 -3.65 -24.78
C ALA A 477 -27.95 -4.75 -24.09
N ARG A 478 -27.33 -5.89 -23.90
CA ARG A 478 -28.00 -7.02 -23.37
C ARG A 478 -26.97 -7.92 -22.78
N ASN A 479 -27.41 -8.84 -21.93
CA ASN A 479 -26.52 -9.73 -21.19
C ASN A 479 -25.41 -8.94 -20.44
N VAL A 480 -25.84 -7.99 -19.63
CA VAL A 480 -24.89 -7.19 -18.83
C VAL A 480 -25.08 -7.54 -17.34
N THR A 481 -24.00 -8.00 -16.69
CA THR A 481 -24.00 -8.40 -15.28
C THR A 481 -23.03 -7.51 -14.50
N PHE A 482 -23.56 -6.89 -13.45
CA PHE A 482 -22.78 -6.07 -12.54
C PHE A 482 -22.96 -6.72 -11.15
N ARG A 483 -21.95 -7.40 -10.65
CA ARG A 483 -22.22 -8.18 -9.42
C ARG A 483 -21.02 -8.18 -8.47
N ASN A 484 -21.21 -8.49 -7.17
CA ASN A 484 -20.04 -8.66 -6.31
C ASN A 484 -19.12 -7.41 -6.35
N ASN A 485 -19.76 -6.24 -6.28
CA ASN A 485 -19.03 -4.97 -6.27
C ASN A 485 -19.45 -4.20 -5.06
N ALA A 486 -18.54 -3.38 -4.55
CA ALA A 486 -18.78 -2.60 -3.36
C ALA A 486 -18.52 -1.15 -3.67
N MET A 487 -19.38 -0.26 -3.17
CA MET A 487 -19.33 1.16 -3.57
C MET A 487 -19.55 2.10 -2.38
N ARG A 488 -18.77 3.17 -2.32
CA ARG A 488 -18.89 4.16 -1.23
C ARG A 488 -18.84 5.57 -1.77
N ASP A 489 -19.71 6.43 -1.26
CA ASP A 489 -19.62 7.86 -1.60
C ASP A 489 -19.73 8.12 -3.11
N LEU A 490 -20.68 7.44 -3.76
CA LEU A 490 -20.96 7.75 -5.15
C LEU A 490 -21.42 9.21 -5.26
N ALA A 491 -20.96 9.95 -6.28
CA ALA A 491 -21.36 11.36 -6.43
C ALA A 491 -22.74 11.56 -7.01
N LYS A 492 -23.26 10.60 -7.78
CA LYS A 492 -24.56 10.80 -8.38
C LYS A 492 -25.57 9.72 -8.01
N GLN A 493 -25.45 8.51 -8.57
CA GLN A 493 -26.48 7.48 -8.51
C GLN A 493 -25.81 6.12 -8.63
N VAL A 494 -26.51 5.05 -8.30
CA VAL A 494 -25.93 3.73 -8.35
C VAL A 494 -25.95 3.11 -9.78
N MET A 495 -27.15 3.11 -10.37
CA MET A 495 -27.45 2.48 -11.65
C MET A 495 -28.50 3.32 -12.37
N VAL A 496 -28.21 3.66 -13.61
CA VAL A 496 -29.10 4.46 -14.45
C VAL A 496 -29.18 3.78 -15.83
N MET A 497 -30.40 3.43 -16.21
CA MET A 497 -30.75 2.94 -17.54
C MET A 497 -31.71 3.92 -18.21
N THR A 498 -31.28 4.57 -19.26
CA THR A 498 -32.11 5.56 -19.92
C THR A 498 -32.22 5.33 -21.42
N LEU A 499 -33.45 5.47 -21.91
CA LEU A 499 -33.82 5.35 -23.32
C LEU A 499 -34.72 6.52 -23.72
N ASP A 500 -34.19 7.39 -24.58
CA ASP A 500 -34.96 8.47 -25.19
C ASP A 500 -35.61 8.01 -26.53
N TYR A 501 -36.72 8.66 -26.91
CA TYR A 501 -37.19 8.79 -28.32
C TYR A 501 -36.39 10.04 -28.79
N ALA A 502 -36.09 10.27 -30.08
CA ALA A 502 -37.09 10.63 -31.09
C ALA A 502 -37.14 10.04 -32.51
N ASP A 503 -37.18 10.96 -33.46
CA ASP A 503 -37.84 10.76 -34.75
C ASP A 503 -37.11 11.58 -35.81
N SER A 504 -37.85 11.95 -36.86
CA SER A 504 -37.46 13.00 -37.79
C SER A 504 -37.60 14.39 -37.14
N ASN A 505 -37.72 14.39 -35.80
CA ASN A 505 -37.49 15.58 -34.96
C ASN A 505 -35.97 15.83 -34.86
N ALA A 506 -35.20 15.15 -35.70
CA ALA A 506 -33.79 14.95 -35.49
C ALA A 506 -32.83 15.89 -36.23
N ASN A 507 -31.93 16.50 -35.45
CA ASN A 507 -30.66 17.00 -35.94
C ASN A 507 -29.67 15.87 -35.70
N ILE A 508 -29.66 14.91 -36.63
CA ILE A 508 -28.94 13.63 -36.55
C ILE A 508 -28.09 13.37 -37.81
N ASP A 509 -26.82 13.04 -37.63
CA ASP A 509 -25.85 12.85 -38.75
C ASP A 509 -25.84 11.48 -39.47
N TYR A 510 -26.22 10.44 -38.75
CA TYR A 510 -26.28 9.07 -39.29
C TYR A 510 -27.70 8.79 -39.82
N PRO A 511 -27.85 7.80 -40.73
CA PRO A 511 -29.21 7.30 -40.99
C PRO A 511 -29.78 6.58 -39.77
N PRO A 512 -31.02 6.93 -39.35
CA PRO A 512 -31.74 6.28 -38.23
C PRO A 512 -31.90 4.78 -38.39
N ALA A 513 -31.95 4.06 -37.27
CA ALA A 513 -32.05 2.60 -37.29
C ALA A 513 -33.50 2.13 -37.50
N LYS A 514 -33.67 1.03 -38.25
CA LYS A 514 -35.02 0.49 -38.55
C LYS A 514 -35.60 -0.17 -37.31
N ILE A 515 -34.78 -0.95 -36.61
CA ILE A 515 -35.17 -1.46 -35.31
C ILE A 515 -34.56 -0.52 -34.22
N PRO A 516 -35.46 0.09 -33.38
CA PRO A 516 -35.05 1.00 -32.33
C PRO A 516 -34.17 0.35 -31.23
N ALA A 517 -33.37 1.19 -30.58
CA ALA A 517 -32.52 0.80 -29.43
C ALA A 517 -33.31 0.24 -28.26
N GLN A 518 -32.86 -0.88 -27.71
CA GLN A 518 -33.42 -1.46 -26.48
C GLN A 518 -32.37 -1.96 -25.45
N PHE A 519 -32.74 -2.00 -24.17
CA PHE A 519 -31.93 -2.70 -23.13
C PHE A 519 -32.73 -3.85 -22.51
N TYR A 520 -32.10 -5.01 -22.41
CA TYR A 520 -32.71 -6.09 -21.68
C TYR A 520 -31.66 -7.10 -21.25
N ASP A 521 -32.05 -7.95 -20.30
CA ASP A 521 -31.19 -8.94 -19.72
C ASP A 521 -30.01 -8.28 -18.94
N PHE A 522 -30.36 -7.41 -17.98
CA PHE A 522 -29.39 -6.76 -17.06
C PHE A 522 -29.52 -7.37 -15.67
N THR A 523 -28.39 -7.76 -15.10
CA THR A 523 -28.36 -8.40 -13.79
C THR A 523 -27.49 -7.57 -12.83
N LEU A 524 -28.14 -7.12 -11.74
CA LEU A 524 -27.49 -6.41 -10.64
C LEU A 524 -27.61 -7.26 -9.39
N LYS A 525 -26.51 -7.88 -8.97
CA LYS A 525 -26.52 -8.87 -7.89
C LYS A 525 -25.37 -8.69 -6.87
N ASN A 526 -25.67 -8.83 -5.58
CA ASN A 526 -24.64 -8.87 -4.50
C ASN A 526 -23.79 -7.59 -4.50
N VAL A 527 -24.47 -6.45 -4.51
CA VAL A 527 -23.85 -5.15 -4.61
C VAL A 527 -24.21 -4.31 -3.40
N THR A 528 -23.22 -3.61 -2.84
CA THR A 528 -23.48 -2.75 -1.72
C THR A 528 -22.99 -1.35 -2.03
N VAL A 529 -23.75 -0.37 -1.56
CA VAL A 529 -23.42 1.03 -1.72
C VAL A 529 -23.67 1.74 -0.41
N ASP A 530 -22.65 2.42 0.07
CA ASP A 530 -22.81 3.25 1.23
C ASP A 530 -22.56 4.67 0.85
N ASN A 531 -23.62 5.47 0.87
N ASN A 531 -23.64 5.44 0.80
CA ASN A 531 -23.63 6.89 0.50
CA ASN A 531 -23.65 6.88 0.52
C ASN A 531 -23.55 7.09 -1.00
C ASN A 531 -23.49 7.20 -0.95
N SER A 532 -24.49 7.87 -1.50
CA SER A 532 -24.49 8.34 -2.87
C SER A 532 -24.96 9.73 -2.61
N THR A 533 -24.09 10.71 -2.82
CA THR A 533 -24.35 12.08 -2.44
C THR A 533 -25.16 12.96 -3.44
N GLY A 534 -25.58 12.41 -4.57
CA GLY A 534 -26.37 13.20 -5.55
C GLY A 534 -27.83 13.33 -5.13
N LYS A 535 -28.54 14.32 -5.68
CA LYS A 535 -29.96 14.47 -5.41
C LYS A 535 -30.84 13.67 -6.38
N ASN A 536 -30.26 13.08 -7.41
CA ASN A 536 -31.05 12.25 -8.30
C ASN A 536 -31.23 10.80 -7.77
N PRO A 537 -32.24 10.09 -8.31
CA PRO A 537 -32.62 8.73 -7.90
C PRO A 537 -31.47 7.74 -7.89
N SER A 538 -31.37 7.00 -6.78
CA SER A 538 -30.34 5.99 -6.60
C SER A 538 -30.35 5.00 -7.77
N ILE A 539 -31.50 4.34 -7.96
CA ILE A 539 -31.73 3.48 -9.10
C ILE A 539 -32.71 4.21 -10.01
N GLU A 540 -32.25 4.53 -11.21
CA GLU A 540 -33.08 5.30 -12.11
C GLU A 540 -33.20 4.57 -13.43
N ILE A 541 -34.43 4.19 -13.75
CA ILE A 541 -34.75 3.48 -14.98
C ILE A 541 -35.86 4.31 -15.63
N LYS A 542 -35.65 4.66 -16.90
CA LYS A 542 -36.47 5.63 -17.60
C LYS A 542 -36.45 5.35 -19.11
N GLY A 543 -37.63 5.46 -19.73
CA GLY A 543 -37.80 5.16 -21.13
C GLY A 543 -38.81 6.13 -21.72
N ASP A 544 -39.75 5.61 -22.52
CA ASP A 544 -40.84 6.41 -23.14
C ASP A 544 -41.88 5.43 -23.64
N THR A 545 -42.80 5.00 -22.76
CA THR A 545 -43.73 3.92 -23.10
C THR A 545 -44.76 4.37 -24.16
N ALA A 546 -45.17 5.65 -24.10
CA ALA A 546 -46.03 6.26 -25.13
C ALA A 546 -45.52 5.85 -26.51
N ASN A 547 -44.24 6.17 -26.75
CA ASN A 547 -43.52 5.88 -27.98
C ASN A 547 -42.87 4.49 -28.02
N LYS A 548 -43.44 3.54 -27.27
CA LYS A 548 -43.03 2.12 -27.29
C LYS A 548 -41.58 1.83 -26.84
N ALA A 549 -40.99 2.74 -26.08
CA ALA A 549 -39.60 2.57 -25.63
C ALA A 549 -39.51 2.18 -24.15
N TRP A 550 -39.32 0.87 -23.90
CA TRP A 550 -39.15 0.35 -22.54
C TRP A 550 -37.97 -0.60 -22.38
N HIS A 551 -37.52 -0.74 -21.13
CA HIS A 551 -36.53 -1.75 -20.75
C HIS A 551 -37.28 -2.97 -20.28
N ARG A 552 -36.63 -4.12 -20.33
CA ARG A 552 -37.25 -5.34 -19.94
C ARG A 552 -36.17 -6.32 -19.44
N LEU A 553 -36.57 -7.30 -18.67
CA LEU A 553 -35.66 -8.33 -18.16
C LEU A 553 -34.47 -7.77 -17.31
N VAL A 554 -34.81 -6.90 -16.36
CA VAL A 554 -33.88 -6.44 -15.34
C VAL A 554 -34.08 -7.26 -14.06
N HIS A 555 -33.00 -7.89 -13.60
CA HIS A 555 -32.98 -8.79 -12.45
C HIS A 555 -32.07 -8.18 -11.39
N VAL A 556 -32.67 -7.71 -10.30
CA VAL A 556 -31.92 -7.16 -9.18
C VAL A 556 -32.08 -8.07 -7.94
N ASN A 557 -30.98 -8.68 -7.52
CA ASN A 557 -30.97 -9.52 -6.35
C ASN A 557 -29.90 -9.13 -5.30
N ASN A 558 -30.31 -9.06 -4.03
CA ASN A 558 -29.36 -9.02 -2.90
C ASN A 558 -28.43 -7.79 -2.91
N VAL A 559 -29.04 -6.60 -2.78
CA VAL A 559 -28.35 -5.33 -2.87
C VAL A 559 -28.73 -4.49 -1.64
N GLN A 560 -27.75 -3.93 -0.94
CA GLN A 560 -28.03 -3.02 0.20
C GLN A 560 -27.56 -1.61 -0.13
N LEU A 561 -28.43 -0.63 0.07
CA LEU A 561 -28.17 0.75 -0.27
C LEU A 561 -28.39 1.54 1.03
N ASN A 562 -27.33 2.20 1.50
CA ASN A 562 -27.36 3.03 2.67
C ASN A 562 -27.12 4.50 2.33
N ASN A 563 -27.93 5.39 2.88
N ASN A 563 -27.94 5.40 2.85
CA ASN A 563 -27.79 6.83 2.67
CA ASN A 563 -27.71 6.83 2.64
C ASN A 563 -27.75 7.19 1.18
C ASN A 563 -27.77 7.24 1.18
N VAL A 564 -28.83 6.79 0.49
CA VAL A 564 -29.05 7.06 -0.93
C VAL A 564 -30.52 7.62 -1.01
N THR A 565 -30.85 8.26 -2.14
CA THR A 565 -32.21 8.78 -2.41
C THR A 565 -33.12 7.65 -2.94
N PRO A 566 -34.45 7.85 -2.91
CA PRO A 566 -35.38 6.86 -3.47
C PRO A 566 -35.15 6.58 -4.97
N THR A 567 -35.64 5.43 -5.42
CA THR A 567 -35.54 5.01 -6.80
C THR A 567 -36.56 5.79 -7.65
N ALA A 568 -36.42 5.72 -8.98
CA ALA A 568 -37.42 6.24 -9.93
C ALA A 568 -37.32 5.32 -11.08
N ILE A 569 -38.24 4.39 -11.19
CA ILE A 569 -38.19 3.35 -12.19
C ILE A 569 -39.37 3.41 -13.17
N SER A 570 -39.08 3.65 -14.45
CA SER A 570 -40.07 3.81 -15.53
C SER A 570 -39.83 2.91 -16.73
N ASP A 571 -40.90 2.58 -17.41
CA ASP A 571 -40.82 1.96 -18.70
C ASP A 571 -40.13 0.67 -18.56
N LEU A 572 -40.63 -0.18 -17.67
CA LEU A 572 -39.87 -1.37 -17.44
C LEU A 572 -40.81 -2.54 -17.34
N ARG A 573 -40.48 -3.66 -17.96
CA ARG A 573 -41.34 -4.81 -17.90
C ARG A 573 -40.56 -6.05 -17.61
N ASP A 574 -41.23 -7.05 -17.05
CA ASP A 574 -40.68 -8.42 -16.92
C ASP A 574 -39.35 -8.43 -16.13
N SER A 575 -39.40 -7.84 -14.95
CA SER A 575 -38.23 -7.52 -14.17
C SER A 575 -38.60 -7.78 -12.73
N GLU A 576 -37.60 -7.96 -11.87
CA GLU A 576 -37.84 -8.17 -10.46
C GLU A 576 -36.70 -7.62 -9.58
N PHE A 577 -37.09 -7.07 -8.43
CA PHE A 577 -36.18 -6.59 -7.42
C PHE A 577 -36.35 -7.44 -6.14
N ASN A 578 -35.39 -8.33 -5.85
CA ASN A 578 -35.41 -9.15 -4.63
C ASN A 578 -34.30 -8.84 -3.67
N LYS A 579 -34.67 -8.77 -2.39
CA LYS A 579 -33.72 -8.52 -1.30
C LYS A 579 -32.88 -7.27 -1.56
N VAL A 580 -33.60 -6.21 -1.91
CA VAL A 580 -33.08 -4.86 -1.96
C VAL A 580 -33.52 -4.16 -0.67
N THR A 581 -32.53 -3.81 0.15
CA THR A 581 -32.74 -3.17 1.43
C THR A 581 -32.18 -1.76 1.38
N PHE A 582 -33.02 -0.78 1.69
CA PHE A 582 -32.58 0.58 1.84
C PHE A 582 -32.52 0.92 3.31
N THR A 583 -31.41 1.51 3.76
CA THR A 583 -31.24 1.99 5.13
C THR A 583 -30.79 3.43 5.05
N GLU A 584 -31.10 4.26 6.06
CA GLU A 584 -30.72 5.66 6.01
C GLU A 584 -31.14 6.28 4.66
N LEU A 585 -32.38 5.99 4.27
CA LEU A 585 -32.96 6.52 3.02
C LEU A 585 -33.07 8.04 3.02
N ARG A 586 -32.56 8.69 1.98
CA ARG A 586 -32.76 10.15 1.86
C ARG A 586 -34.09 10.46 1.18
N GLY A 587 -35.18 10.12 1.87
CA GLY A 587 -36.57 10.30 1.44
C GLY A 587 -37.50 9.46 2.31
N ASP A 588 -38.74 9.29 1.85
CA ASP A 588 -39.77 8.68 2.67
C ASP A 588 -39.99 7.21 2.33
N THR A 589 -40.01 6.88 1.04
CA THR A 589 -40.15 5.45 0.64
C THR A 589 -39.19 5.13 -0.51
N PRO A 590 -38.59 3.93 -0.50
CA PRO A 590 -37.57 3.68 -1.53
C PRO A 590 -38.08 3.49 -2.97
N TRP A 591 -39.21 2.79 -3.11
CA TRP A 591 -39.78 2.37 -4.38
C TRP A 591 -40.79 3.32 -5.03
N HIS A 592 -40.46 3.83 -6.21
CA HIS A 592 -41.32 4.71 -7.00
C HIS A 592 -41.32 4.15 -8.41
N PHE A 593 -42.47 3.57 -8.76
CA PHE A 593 -42.71 2.86 -10.02
C PHE A 593 -43.80 3.56 -10.83
N SER A 594 -43.66 3.60 -12.15
CA SER A 594 -44.72 4.07 -13.03
C SER A 594 -44.46 3.54 -14.43
N GLU A 595 -45.54 3.20 -15.16
CA GLU A 595 -45.45 2.61 -16.50
C GLU A 595 -44.71 1.27 -16.50
N VAL A 596 -45.09 0.36 -15.61
CA VAL A 596 -44.43 -0.93 -15.49
C VAL A 596 -45.39 -2.04 -15.86
N LYS A 597 -44.84 -3.13 -16.39
CA LYS A 597 -45.55 -4.36 -16.72
C LYS A 597 -44.80 -5.65 -16.39
N ASN A 598 -45.42 -6.57 -15.68
CA ASN A 598 -44.76 -7.77 -15.21
C ASN A 598 -43.43 -7.56 -14.42
N VAL A 599 -43.42 -6.54 -13.60
CA VAL A 599 -42.43 -6.44 -12.55
C VAL A 599 -42.90 -6.49 -11.10
N LYS A 600 -41.94 -6.66 -10.20
CA LYS A 600 -41.98 -7.53 -9.05
C LYS A 600 -40.80 -7.11 -8.15
N VAL A 601 -41.21 -6.80 -6.94
CA VAL A 601 -40.46 -6.96 -5.74
C VAL A 601 -40.96 -8.12 -4.89
N ASP A 602 -40.27 -9.23 -4.98
CA ASP A 602 -39.49 -9.70 -3.90
C ASP A 602 -40.40 -10.12 -2.78
N GLY A 603 -41.40 -10.94 -3.18
CA GLY A 603 -41.58 -11.32 -4.59
C GLY A 603 -42.93 -11.17 -5.36
N LYS A 604 -43.38 -9.95 -5.56
CA LYS A 604 -44.74 -9.56 -5.44
C LYS A 604 -45.05 -8.42 -6.36
N PRO A 605 -46.11 -8.57 -7.13
CA PRO A 605 -46.28 -7.82 -8.36
C PRO A 605 -46.42 -6.36 -8.06
N VAL A 606 -46.00 -5.52 -8.99
CA VAL A 606 -45.90 -4.11 -8.74
C VAL A 606 -47.06 -3.35 -9.35
N ASP B 36 22.70 22.98 2.18
CA ASP B 36 23.88 22.12 2.46
C ASP B 36 23.72 20.68 1.99
N ALA B 37 24.85 20.00 1.81
CA ALA B 37 24.96 18.59 1.49
C ALA B 37 24.32 17.77 2.61
N PRO B 38 23.49 16.77 2.24
CA PRO B 38 23.10 15.76 3.25
C PRO B 38 24.32 15.16 3.93
N GLN B 39 24.19 14.86 5.22
CA GLN B 39 25.33 14.36 6.01
C GLN B 39 25.25 12.87 6.37
N GLN B 40 26.43 12.25 6.46
CA GLN B 40 26.63 10.92 6.98
C GLN B 40 25.89 9.81 6.20
N LEU B 41 26.02 9.81 4.86
CA LEU B 41 25.51 8.75 4.04
C LEU B 41 26.24 7.50 4.52
N GLN B 42 25.55 6.39 4.73
CA GLN B 42 26.24 5.21 5.29
C GLN B 42 25.46 3.96 5.01
N VAL B 43 26.14 2.82 5.13
CA VAL B 43 25.50 1.54 5.07
C VAL B 43 25.37 1.08 6.54
N PRO B 44 24.15 0.98 7.08
CA PRO B 44 24.03 0.42 8.42
C PRO B 44 24.75 -0.94 8.52
N THR B 45 25.23 -1.26 9.73
CA THR B 45 25.87 -2.53 10.03
C THR B 45 25.17 -3.75 9.40
N LEU B 46 25.90 -4.43 8.49
CA LEU B 46 25.50 -5.71 7.88
C LEU B 46 24.22 -5.61 7.06
N ALA B 47 23.82 -4.40 6.71
CA ALA B 47 22.62 -4.12 5.86
C ALA B 47 22.95 -4.21 4.39
N TYR B 48 23.56 -5.33 4.01
CA TYR B 48 23.91 -5.55 2.59
C TYR B 48 24.09 -7.04 2.44
N ASP B 49 24.00 -7.52 1.19
CA ASP B 49 24.27 -8.91 0.93
C ASP B 49 24.91 -9.02 -0.46
N GLU B 50 24.74 -10.18 -1.12
CA GLU B 50 25.36 -10.40 -2.44
C GLU B 50 24.71 -9.57 -3.53
N SER B 51 23.51 -9.05 -3.31
CA SER B 51 22.83 -8.34 -4.38
C SER B 51 22.11 -7.03 -4.02
N SER B 52 22.36 -6.51 -2.82
CA SER B 52 21.68 -5.29 -2.37
C SER B 52 22.43 -4.65 -1.23
N ILE B 53 22.14 -3.38 -1.02
CA ILE B 53 22.81 -2.56 -0.05
C ILE B 53 21.80 -1.54 0.44
N VAL B 54 21.72 -1.34 1.77
CA VAL B 54 20.80 -0.34 2.34
C VAL B 54 21.59 0.93 2.67
N LEU B 55 21.07 2.08 2.26
CA LEU B 55 21.63 3.40 2.59
C LEU B 55 20.75 4.16 3.57
N VAL B 56 21.38 4.90 4.47
CA VAL B 56 20.65 5.83 5.36
C VAL B 56 21.51 7.10 5.50
N TRP B 57 20.91 8.24 5.86
CA TRP B 57 21.69 9.45 6.03
C TRP B 57 20.99 10.27 7.09
N LYS B 58 21.66 11.29 7.58
CA LYS B 58 21.02 12.26 8.45
C LYS B 58 20.14 13.26 7.67
N ALA B 59 18.96 13.51 8.24
CA ALA B 59 18.12 14.63 7.89
C ALA B 59 18.45 15.75 8.90
N PRO B 60 18.40 17.02 8.47
CA PRO B 60 18.69 18.13 9.39
C PRO B 60 17.58 18.31 10.45
N GLU B 61 17.87 19.09 11.49
CA GLU B 61 16.82 19.46 12.44
C GLU B 61 15.63 20.19 11.77
N ASP B 62 15.93 21.15 10.88
CA ASP B 62 14.91 21.90 10.14
C ASP B 62 14.79 21.33 8.73
N THR B 63 13.71 20.62 8.45
CA THR B 63 13.45 20.01 7.14
C THR B 63 12.30 20.67 6.38
N ARG B 64 11.85 21.83 6.85
CA ARG B 64 10.75 22.62 6.23
C ARG B 64 10.81 22.71 4.71
N LYS B 65 11.99 22.98 4.14
CA LYS B 65 12.14 23.12 2.69
C LYS B 65 12.47 21.80 1.94
N ILE B 66 12.77 20.72 2.69
CA ILE B 66 13.19 19.44 2.11
C ILE B 66 11.99 18.53 2.00
N VAL B 67 11.65 18.14 0.77
CA VAL B 67 10.46 17.35 0.56
C VAL B 67 10.76 15.87 0.26
N ASP B 68 12.04 15.55 0.05
CA ASP B 68 12.44 14.27 -0.47
C ASP B 68 13.95 14.22 -0.64
N TYR B 69 14.46 13.03 -0.98
CA TYR B 69 15.87 12.87 -1.30
C TYR B 69 16.00 12.06 -2.59
N GLN B 70 17.09 12.33 -3.31
CA GLN B 70 17.42 11.59 -4.51
C GLN B 70 18.77 10.95 -4.32
N ILE B 71 18.84 9.67 -4.67
CA ILE B 71 19.98 8.84 -4.52
C ILE B 71 20.57 8.49 -5.90
N PHE B 72 21.89 8.57 -6.00
CA PHE B 72 22.59 8.33 -7.24
C PHE B 72 23.66 7.33 -7.01
N SER B 73 23.92 6.51 -8.02
CA SER B 73 25.08 5.64 -8.02
C SER B 73 25.95 5.95 -9.24
N ALA B 74 27.16 6.40 -8.95
CA ALA B 74 28.10 6.93 -9.93
C ALA B 74 27.45 7.99 -10.80
N GLY B 75 26.61 8.85 -10.20
CA GLY B 75 25.90 9.88 -10.96
C GLY B 75 24.61 9.49 -11.63
N LYS B 76 24.28 8.22 -11.64
CA LYS B 76 23.01 7.79 -12.25
C LYS B 76 21.90 7.86 -11.17
N LEU B 77 20.80 8.52 -11.50
CA LEU B 77 19.65 8.52 -10.60
C LEU B 77 19.01 7.14 -10.40
N LEU B 78 19.03 6.68 -9.14
CA LEU B 78 18.37 5.45 -8.72
C LEU B 78 16.94 5.71 -8.34
N GLY B 79 16.66 6.90 -7.85
CA GLY B 79 15.28 7.28 -7.55
C GLY B 79 15.16 8.15 -6.30
N LYS B 80 13.92 8.46 -5.95
CA LYS B 80 13.55 9.21 -4.75
C LYS B 80 13.33 8.27 -3.55
N ALA B 81 13.80 8.68 -2.36
CA ALA B 81 13.62 7.95 -1.08
C ALA B 81 12.15 7.68 -0.77
N SER B 82 11.26 8.62 -1.08
CA SER B 82 9.84 8.43 -0.90
C SER B 82 9.39 7.19 -1.68
N ASP B 83 9.63 7.20 -3.00
CA ASP B 83 9.19 6.10 -3.86
C ASP B 83 9.85 4.80 -3.51
N ASN B 84 11.13 4.85 -3.12
CA ASN B 84 11.87 3.66 -2.72
C ASN B 84 11.23 3.00 -1.48
N ASN B 85 10.78 3.81 -0.53
CA ASN B 85 10.19 3.35 0.74
C ASN B 85 8.80 2.77 0.51
N ASP B 86 8.04 3.31 -0.45
CA ASP B 86 6.82 2.70 -0.95
C ASP B 86 6.98 1.25 -1.31
N ASN B 87 8.12 0.94 -1.92
CA ASN B 87 8.44 -0.41 -2.38
C ASN B 87 8.93 -1.35 -1.23
N PHE B 88 9.76 -0.81 -0.35
CA PHE B 88 10.54 -1.64 0.57
C PHE B 88 10.15 -1.51 2.02
N SER B 89 9.44 -0.44 2.40
CA SER B 89 9.21 -0.20 3.82
C SER B 89 7.78 -0.57 4.23
N PRO B 90 7.63 -1.45 5.23
CA PRO B 90 6.27 -1.76 5.67
C PRO B 90 5.61 -0.60 6.39
N ALA B 91 6.43 0.31 6.92
CA ALA B 91 5.95 1.48 7.65
C ALA B 91 5.40 2.55 6.67
N LYS B 92 5.97 2.64 5.48
CA LYS B 92 5.73 3.75 4.52
C LYS B 92 4.25 3.91 4.13
N PRO B 93 3.53 2.79 3.75
CA PRO B 93 2.09 2.98 3.45
C PRO B 93 1.28 3.57 4.58
N TYR B 94 1.60 3.20 5.82
CA TYR B 94 0.90 3.73 6.99
C TYR B 94 1.26 5.19 7.26
N ILE B 95 2.54 5.53 7.13
CA ILE B 95 3.04 6.92 7.22
C ILE B 95 2.30 7.81 6.19
N ASP B 96 2.13 7.33 4.95
CA ASP B 96 1.47 8.16 3.90
C ASP B 96 0.02 8.39 4.25
N HIS B 97 -0.62 7.30 4.60
CA HIS B 97 -2.02 7.30 5.00
C HIS B 97 -2.34 8.15 6.28
N PHE B 98 -1.43 8.20 7.22
CA PHE B 98 -1.55 9.09 8.39
C PHE B 98 -1.96 10.54 8.01
N TYR B 99 -1.45 11.03 6.87
CA TYR B 99 -1.63 12.40 6.42
C TYR B 99 -2.86 12.61 5.55
N VAL B 100 -3.53 11.51 5.15
CA VAL B 100 -4.68 11.53 4.21
C VAL B 100 -5.86 12.45 4.60
N ASN B 101 -6.19 12.56 5.87
CA ASN B 101 -7.27 13.47 6.26
C ASN B 101 -6.74 14.76 6.97
N ASP B 102 -5.49 15.10 6.71
CA ASP B 102 -4.84 16.24 7.35
C ASP B 102 -4.90 17.51 6.47
N LYS B 103 -6.09 18.05 6.33
CA LYS B 103 -6.15 19.51 6.30
C LYS B 103 -6.57 19.93 7.72
N ASP B 104 -6.02 21.05 8.18
CA ASP B 104 -5.32 21.97 7.29
C ASP B 104 -3.81 21.93 7.46
N ASN B 105 -3.17 20.85 6.99
CA ASN B 105 -1.72 20.68 7.13
C ASN B 105 -1.16 20.95 8.54
N PHE B 106 -1.86 20.44 9.54
CA PHE B 106 -1.47 20.55 10.92
C PHE B 106 -0.22 19.75 11.30
N GLN B 107 -0.14 18.53 10.79
CA GLN B 107 0.84 17.52 11.23
C GLN B 107 2.22 17.76 10.63
N HIS B 108 3.28 17.68 11.45
CA HIS B 108 4.63 17.67 10.94
C HIS B 108 4.84 16.62 9.81
N LYS B 109 5.37 17.06 8.66
CA LYS B 109 5.56 16.18 7.52
C LYS B 109 7.01 15.64 7.63
N ILE B 110 7.11 14.34 7.79
CA ILE B 110 8.38 13.70 8.05
C ILE B 110 9.01 13.43 6.71
N VAL B 111 10.33 13.24 6.69
CA VAL B 111 11.01 12.92 5.48
C VAL B 111 11.70 11.58 5.62
N MET B 112 11.91 10.92 4.48
CA MET B 112 12.64 9.64 4.38
C MET B 112 14.13 9.79 4.41
N GLN B 113 14.75 8.88 5.15
CA GLN B 113 16.19 8.92 5.44
C GLN B 113 16.86 7.64 5.08
N ASN B 114 16.22 6.80 4.26
CA ASN B 114 16.80 5.52 3.86
C ASN B 114 16.42 5.16 2.42
N PHE B 115 17.24 4.30 1.80
CA PHE B 115 16.99 3.92 0.41
C PHE B 115 17.62 2.53 0.26
N THR B 116 16.89 1.57 -0.28
CA THR B 116 17.39 0.18 -0.43
C THR B 116 17.72 -0.03 -1.88
N VAL B 117 18.98 -0.39 -2.15
CA VAL B 117 19.45 -0.58 -3.52
C VAL B 117 19.42 -2.08 -3.77
N ILE B 118 18.62 -2.52 -4.75
CA ILE B 118 18.60 -3.95 -5.14
C ILE B 118 19.18 -4.17 -6.53
N GLY B 119 19.38 -5.45 -6.88
CA GLY B 119 19.73 -5.90 -8.22
C GLY B 119 21.20 -5.76 -8.51
N LEU B 120 22.03 -6.01 -7.52
CA LEU B 120 23.44 -5.70 -7.67
C LEU B 120 24.11 -7.01 -7.91
N LYS B 121 25.40 -6.96 -8.24
CA LYS B 121 26.21 -8.12 -8.50
C LYS B 121 27.02 -8.44 -7.26
N PRO B 122 27.34 -9.73 -7.05
CA PRO B 122 28.18 -10.19 -5.95
C PRO B 122 29.57 -9.59 -5.94
N GLU B 123 30.17 -9.43 -4.77
CA GLU B 123 31.58 -8.97 -4.64
C GLU B 123 31.92 -7.76 -5.51
N THR B 124 31.04 -6.77 -5.53
CA THR B 124 31.17 -5.65 -6.45
C THR B 124 31.05 -4.34 -5.65
N SER B 125 31.89 -3.35 -5.97
CA SER B 125 31.90 -2.05 -5.30
C SER B 125 31.06 -1.02 -6.06
N TYR B 126 30.30 -0.22 -5.33
CA TYR B 126 29.41 0.79 -5.89
C TYR B 126 29.62 2.07 -5.11
N GLN B 127 29.50 3.22 -5.79
CA GLN B 127 29.61 4.52 -5.16
C GLN B 127 28.20 5.06 -5.09
N PHE B 128 27.91 5.85 -4.06
CA PHE B 128 26.59 6.40 -3.88
C PHE B 128 26.76 7.80 -3.37
N THR B 129 25.82 8.67 -3.71
CA THR B 129 25.70 9.98 -3.10
C THR B 129 24.19 10.23 -3.00
N VAL B 130 23.81 11.23 -2.19
CA VAL B 130 22.43 11.62 -1.98
C VAL B 130 22.30 13.15 -2.02
N LYS B 131 21.19 13.66 -2.55
CA LYS B 131 20.93 15.08 -2.57
C LYS B 131 19.57 15.32 -1.97
N ALA B 132 19.41 16.38 -1.18
CA ALA B 132 18.09 16.81 -0.74
C ALA B 132 17.32 17.40 -1.93
N GLN B 133 16.03 17.13 -1.96
CA GLN B 133 15.12 17.69 -2.93
C GLN B 133 14.24 18.75 -2.23
N TYR B 134 14.25 19.96 -2.77
CA TYR B 134 13.54 21.09 -2.18
C TYR B 134 12.15 21.21 -2.77
N ALA B 135 11.26 21.90 -2.03
CA ALA B 135 9.83 22.03 -2.39
C ALA B 135 9.65 22.66 -3.78
N ASP B 136 10.56 23.58 -4.11
CA ASP B 136 10.60 24.25 -5.41
C ASP B 136 11.31 23.50 -6.56
N GLY B 137 11.48 22.16 -6.42
CA GLY B 137 12.07 21.33 -7.48
C GLY B 137 13.60 21.21 -7.52
N SER B 138 14.31 22.21 -6.97
CA SER B 138 15.77 22.15 -6.95
C SER B 138 16.35 21.02 -6.05
N LEU B 139 17.66 20.82 -6.17
CA LEU B 139 18.41 19.81 -5.46
C LEU B 139 19.54 20.49 -4.75
N SER B 140 19.92 19.94 -3.59
CA SER B 140 21.12 20.36 -2.89
C SER B 140 22.34 19.87 -3.64
N VAL B 141 23.51 20.35 -3.22
CA VAL B 141 24.76 19.70 -3.57
C VAL B 141 24.76 18.24 -3.05
N ALA B 142 25.54 17.38 -3.70
CA ALA B 142 25.64 16.00 -3.29
C ALA B 142 26.33 15.88 -1.91
N SER B 143 25.83 14.97 -1.08
CA SER B 143 26.57 14.45 0.07
C SER B 143 27.98 14.05 -0.35
N LYS B 144 28.92 13.94 0.61
CA LYS B 144 30.15 13.15 0.40
C LYS B 144 29.73 11.76 -0.09
N PRO B 145 30.50 11.22 -1.05
CA PRO B 145 30.16 9.90 -1.53
C PRO B 145 30.62 8.83 -0.57
N ILE B 146 29.99 7.68 -0.69
CA ILE B 146 30.51 6.49 -0.09
C ILE B 146 30.72 5.44 -1.15
N THR B 147 31.55 4.48 -0.82
CA THR B 147 31.75 3.32 -1.63
C THR B 147 31.41 2.09 -0.78
N ALA B 148 30.54 1.22 -1.32
CA ALA B 148 30.03 0.06 -0.58
C ALA B 148 30.20 -1.20 -1.46
N LYS B 149 30.60 -2.32 -0.86
CA LYS B 149 30.80 -3.54 -1.61
C LYS B 149 29.82 -4.66 -1.18
N THR B 150 29.12 -5.23 -2.16
CA THR B 150 28.26 -6.38 -1.95
C THR B 150 29.16 -7.53 -1.57
N SER B 151 28.59 -8.45 -0.79
CA SER B 151 29.30 -9.66 -0.44
C SER B 151 29.31 -10.70 -1.55
N ALA B 152 30.09 -11.73 -1.30
CA ALA B 152 30.06 -12.97 -2.05
C ALA B 152 28.74 -13.69 -1.83
N LYS B 153 28.32 -14.50 -2.81
CA LYS B 153 27.12 -15.31 -2.66
C LYS B 153 27.34 -16.29 -1.49
N PRO B 154 26.41 -16.31 -0.52
CA PRO B 154 26.65 -17.14 0.65
C PRO B 154 26.49 -18.64 0.38
N GLN B 155 27.01 -19.48 1.26
CA GLN B 155 26.59 -20.89 1.31
C GLN B 155 25.14 -20.98 1.83
N ILE B 156 24.28 -21.68 1.09
CA ILE B 156 22.86 -21.83 1.46
C ILE B 156 22.66 -23.16 2.17
N VAL B 157 22.05 -23.07 3.35
CA VAL B 157 21.74 -24.21 4.15
C VAL B 157 20.23 -24.18 4.30
N ASN B 158 19.55 -25.21 3.80
CA ASN B 158 18.12 -25.28 3.88
C ASN B 158 17.74 -26.27 5.01
N VAL B 159 16.92 -25.85 5.97
CA VAL B 159 16.63 -26.68 7.13
C VAL B 159 15.87 -27.96 6.73
N ARG B 160 15.14 -27.93 5.61
CA ARG B 160 14.54 -29.17 5.03
C ARG B 160 15.51 -30.32 4.73
N ASP B 161 16.74 -29.99 4.36
CA ASP B 161 17.79 -30.97 4.17
C ASP B 161 18.24 -31.70 5.47
N PHE B 162 17.78 -31.22 6.63
CA PHE B 162 18.21 -31.80 7.90
C PHE B 162 17.01 -32.46 8.53
N GLY B 163 15.93 -32.53 7.77
CA GLY B 163 14.75 -33.19 8.28
C GLY B 163 13.62 -32.35 8.77
N ALA B 164 13.72 -31.01 8.66
CA ALA B 164 12.63 -30.13 9.14
C ALA B 164 11.43 -30.36 8.27
N ILE B 165 10.26 -30.39 8.90
CA ILE B 165 9.04 -30.58 8.16
C ILE B 165 8.05 -29.46 8.54
N ASP B 166 7.34 -29.00 7.53
CA ASP B 166 6.32 -27.97 7.67
C ASP B 166 4.89 -28.46 8.02
N ASP B 167 4.77 -29.27 9.08
CA ASP B 167 3.45 -29.73 9.47
C ASP B 167 2.80 -28.93 10.61
N GLY B 168 3.50 -27.89 11.12
CA GLY B 168 3.04 -27.16 12.28
C GLY B 168 2.95 -27.94 13.59
N LYS B 169 3.36 -29.22 13.58
CA LYS B 169 3.22 -30.14 14.76
C LYS B 169 4.52 -30.83 15.19
N THR B 170 5.26 -31.34 14.23
CA THR B 170 6.58 -31.91 14.50
C THR B 170 7.55 -30.88 14.98
N LEU B 171 8.24 -31.28 16.02
CA LEU B 171 9.27 -30.51 16.64
C LEU B 171 10.52 -30.58 15.79
N ASN B 172 10.85 -29.44 15.18
CA ASN B 172 11.98 -29.28 14.27
C ASN B 172 13.27 -28.78 14.94
N THR B 173 13.29 -28.68 16.27
CA THR B 173 14.46 -28.07 16.96
C THR B 173 15.78 -28.64 16.49
N LYS B 174 15.90 -29.97 16.52
CA LYS B 174 17.14 -30.65 16.19
C LYS B 174 17.53 -30.45 14.74
N ALA B 175 16.59 -30.65 13.81
CA ALA B 175 16.89 -30.40 12.40
C ALA B 175 17.42 -28.95 12.16
N ILE B 176 16.75 -27.97 12.76
CA ILE B 176 17.13 -26.56 12.56
C ILE B 176 18.48 -26.27 13.28
N GLN B 177 18.62 -26.73 14.52
CA GLN B 177 19.93 -26.67 15.24
C GLN B 177 21.09 -27.31 14.49
N GLN B 178 20.86 -28.53 13.95
CA GLN B 178 21.88 -29.20 13.08
C GLN B 178 22.26 -28.36 11.87
N ALA B 179 21.29 -27.75 11.22
CA ALA B 179 21.54 -26.87 10.09
C ALA B 179 22.35 -25.62 10.52
N ILE B 180 22.01 -25.03 11.66
CA ILE B 180 22.80 -23.93 12.27
C ILE B 180 24.25 -24.38 12.57
N ASP B 181 24.38 -25.55 13.19
CA ASP B 181 25.67 -26.11 13.56
C ASP B 181 26.60 -26.36 12.37
N SER B 182 26.02 -26.75 11.23
CA SER B 182 26.74 -27.02 9.97
C SER B 182 27.23 -25.76 9.26
N CYS B 183 26.72 -24.59 9.63
CA CYS B 183 27.11 -23.32 8.97
C CYS B 183 28.59 -23.01 8.92
N LYS B 184 29.10 -22.69 7.74
CA LYS B 184 30.42 -22.04 7.59
C LYS B 184 30.24 -20.55 7.79
N PRO B 185 31.31 -19.83 8.19
CA PRO B 185 31.28 -18.38 8.22
C PRO B 185 30.64 -17.79 6.96
N GLY B 186 29.62 -16.96 7.14
CA GLY B 186 28.92 -16.40 6.01
C GLY B 186 27.73 -17.18 5.46
N CYS B 187 27.42 -18.37 5.99
CA CYS B 187 26.24 -19.16 5.51
C CYS B 187 24.93 -18.39 5.69
N ARG B 188 23.98 -18.66 4.81
CA ARG B 188 22.58 -18.31 5.01
C ARG B 188 21.75 -19.58 5.30
N VAL B 189 21.26 -19.71 6.52
CA VAL B 189 20.32 -20.80 6.84
C VAL B 189 18.91 -20.35 6.42
N GLU B 190 18.23 -21.15 5.58
CA GLU B 190 16.91 -20.83 5.06
C GLU B 190 15.82 -21.64 5.74
N ILE B 191 14.78 -20.95 6.20
CA ILE B 191 13.53 -21.60 6.57
C ILE B 191 12.51 -21.27 5.44
N PRO B 192 12.18 -22.28 4.58
CA PRO B 192 11.27 -22.03 3.46
C PRO B 192 9.82 -21.87 3.92
N ALA B 193 8.87 -21.67 2.98
CA ALA B 193 7.40 -21.56 3.25
C ALA B 193 6.89 -22.71 4.08
N GLY B 194 5.88 -22.49 4.90
CA GLY B 194 5.41 -23.52 5.80
C GLY B 194 5.60 -23.18 7.28
N THR B 195 4.87 -23.90 8.15
CA THR B 195 4.89 -23.68 9.58
C THR B 195 5.78 -24.78 10.17
N TYR B 196 6.87 -24.34 10.79
CA TYR B 196 7.88 -25.17 11.43
C TYR B 196 7.87 -24.94 12.91
N LYS B 197 7.29 -25.91 13.63
CA LYS B 197 7.31 -25.87 15.07
C LYS B 197 8.74 -26.13 15.59
N SER B 198 9.17 -25.44 16.66
CA SER B 198 10.54 -25.58 17.16
C SER B 198 10.60 -25.14 18.61
N GLY B 199 11.50 -25.74 19.38
CA GLY B 199 11.91 -25.22 20.68
C GLY B 199 13.07 -24.24 20.46
N ALA B 200 13.67 -23.80 21.57
CA ALA B 200 14.84 -22.94 21.57
C ALA B 200 15.96 -23.25 20.58
N LEU B 201 16.33 -22.24 19.79
CA LEU B 201 17.41 -22.37 18.84
C LEU B 201 18.55 -21.47 19.31
N TRP B 202 19.77 -21.88 19.03
CA TRP B 202 21.00 -21.23 19.49
C TRP B 202 21.78 -20.90 18.26
N LEU B 203 21.82 -19.63 17.96
CA LEU B 203 22.64 -19.07 16.87
C LEU B 203 24.13 -19.06 17.19
N LYS B 204 24.93 -18.87 16.16
CA LYS B 204 26.37 -18.76 16.32
C LYS B 204 26.83 -17.58 15.48
N SER B 205 28.12 -17.22 15.60
CA SER B 205 28.68 -16.11 14.83
C SER B 205 28.67 -16.32 13.34
N ASP B 206 28.70 -15.21 12.61
CA ASP B 206 28.95 -15.21 11.16
C ASP B 206 27.94 -15.99 10.34
N MET B 207 26.67 -15.79 10.62
CA MET B 207 25.65 -16.45 9.82
C MET B 207 24.42 -15.55 9.67
N THR B 208 23.57 -15.94 8.72
CA THR B 208 22.25 -15.34 8.51
C THR B 208 21.20 -16.42 8.70
N LEU B 209 20.16 -16.12 9.48
CA LEU B 209 18.95 -16.90 9.49
C LEU B 209 17.90 -16.17 8.63
N ASN B 210 17.53 -16.79 7.52
CA ASN B 210 16.54 -16.19 6.63
C ASN B 210 15.18 -16.89 6.67
N LEU B 211 14.15 -16.14 7.08
CA LEU B 211 12.79 -16.63 7.04
C LEU B 211 12.10 -16.23 5.76
N GLN B 212 11.92 -17.20 4.88
CA GLN B 212 11.32 -16.91 3.59
C GLN B 212 9.88 -16.48 3.69
N ALA B 213 9.41 -15.86 2.60
CA ALA B 213 7.99 -15.58 2.48
C ALA B 213 7.18 -16.86 2.65
N GLY B 214 6.14 -16.78 3.46
CA GLY B 214 5.37 -17.97 3.81
C GLY B 214 5.90 -18.77 4.96
N ALA B 215 7.13 -18.51 5.42
CA ALA B 215 7.66 -19.21 6.59
C ALA B 215 7.01 -18.70 7.86
N ILE B 216 6.76 -19.61 8.79
CA ILE B 216 6.36 -19.27 10.14
C ILE B 216 7.15 -20.25 11.01
N LEU B 217 8.04 -19.71 11.82
CA LEU B 217 8.66 -20.43 12.87
C LEU B 217 7.77 -20.32 14.09
N LEU B 218 7.24 -21.44 14.52
CA LEU B 218 6.28 -21.48 15.59
C LEU B 218 6.93 -22.07 16.83
N GLY B 219 6.91 -21.33 17.93
CA GLY B 219 7.40 -21.83 19.17
C GLY B 219 6.60 -23.01 19.68
N SER B 220 7.32 -24.03 20.12
CA SER B 220 6.76 -25.10 20.96
C SER B 220 6.03 -24.53 22.16
N GLU B 221 4.91 -25.14 22.53
CA GLU B 221 4.18 -24.83 23.78
C GLU B 221 4.73 -25.54 25.03
N ASN B 222 5.68 -26.47 24.83
CA ASN B 222 6.28 -27.30 25.90
C ASN B 222 7.43 -26.59 26.60
N PRO B 223 7.31 -26.29 27.92
CA PRO B 223 8.41 -25.66 28.70
C PRO B 223 9.73 -26.41 28.64
N ASP B 224 9.70 -27.73 28.44
CA ASP B 224 10.93 -28.54 28.28
C ASP B 224 11.76 -28.21 27.04
N ASP B 225 11.13 -27.54 26.07
CA ASP B 225 11.84 -27.10 24.82
C ASP B 225 12.58 -25.80 24.92
N TYR B 226 12.48 -25.18 26.09
CA TYR B 226 13.25 -23.98 26.43
C TYR B 226 14.07 -24.20 27.67
N PRO B 227 15.29 -24.74 27.50
CA PRO B 227 16.18 -24.97 28.65
C PRO B 227 16.76 -23.65 29.22
N ALA B 228 17.74 -23.75 30.12
CA ALA B 228 18.26 -22.62 30.85
C ALA B 228 18.72 -21.60 29.87
N GLY B 229 18.36 -20.33 30.11
CA GLY B 229 18.68 -19.23 29.23
C GLY B 229 19.73 -18.31 29.80
N TYR B 230 19.35 -17.41 30.68
CA TYR B 230 20.25 -16.29 31.03
C TYR B 230 19.72 -15.64 32.29
N ARG B 231 20.62 -14.93 32.97
CA ARG B 231 20.22 -13.93 33.96
C ARG B 231 20.32 -12.57 33.31
N LEU B 232 19.31 -11.74 33.52
CA LEU B 232 19.21 -10.41 32.88
C LEU B 232 20.49 -9.62 33.15
N TYR B 233 20.82 -9.49 34.44
CA TYR B 233 22.03 -8.86 34.91
C TYR B 233 22.81 -9.87 35.75
N PRO B 234 24.12 -9.62 35.96
CA PRO B 234 24.94 -10.43 36.88
C PRO B 234 24.37 -10.52 38.33
N TYR B 235 23.66 -9.49 38.79
CA TYR B 235 23.04 -9.51 40.12
C TYR B 235 21.55 -9.95 40.13
N SER B 236 21.03 -10.38 38.97
CA SER B 236 19.67 -10.90 38.86
C SER B 236 19.67 -12.26 39.54
N THR B 237 18.70 -12.54 40.38
CA THR B 237 18.75 -13.81 41.17
C THR B 237 17.96 -14.97 40.54
N ILE B 238 17.09 -14.67 39.58
CA ILE B 238 16.27 -15.68 38.92
C ILE B 238 16.72 -15.88 37.47
N GLU B 239 17.18 -17.09 37.19
CA GLU B 239 17.46 -17.55 35.86
C GLU B 239 16.20 -17.63 34.94
N ARG B 240 16.32 -17.09 33.72
CA ARG B 240 15.19 -17.05 32.78
C ARG B 240 15.35 -18.16 31.78
N PRO B 241 14.24 -18.70 31.24
CA PRO B 241 14.49 -19.71 30.23
C PRO B 241 15.03 -19.09 28.91
N ALA B 242 15.60 -19.95 28.07
CA ALA B 242 15.93 -19.64 26.68
C ALA B 242 14.72 -19.10 25.91
N SER B 243 14.96 -18.13 25.02
CA SER B 243 13.92 -17.62 24.12
C SER B 243 13.75 -18.61 22.95
N LEU B 244 12.90 -18.28 22.01
CA LEU B 244 12.75 -19.11 20.84
C LEU B 244 14.05 -19.08 19.98
N ILE B 245 14.62 -17.87 19.82
CA ILE B 245 15.88 -17.69 19.11
C ILE B 245 16.86 -17.02 20.04
N ASN B 246 18.06 -17.61 20.19
CA ASN B 246 19.08 -17.12 21.10
C ASN B 246 20.39 -16.97 20.42
N ALA B 247 21.11 -15.95 20.82
CA ALA B 247 22.61 -15.93 20.78
C ALA B 247 23.03 -15.67 22.21
N ILE B 248 23.13 -16.75 22.98
CA ILE B 248 23.50 -16.69 24.41
C ILE B 248 24.64 -17.68 24.65
N ASP B 249 25.74 -17.19 25.22
CA ASP B 249 26.84 -18.02 25.69
C ASP B 249 26.79 -18.05 27.22
N PRO B 250 26.64 -19.25 27.84
CA PRO B 250 26.44 -19.27 29.28
C PRO B 250 27.55 -18.55 30.03
N ASN B 251 28.78 -18.77 29.58
CA ASN B 251 29.94 -18.17 30.25
C ASN B 251 30.11 -16.62 30.00
N ASN B 252 29.87 -16.17 28.76
CA ASN B 252 30.13 -14.78 28.38
C ASN B 252 28.95 -13.95 27.88
N SER B 253 28.87 -12.73 28.39
CA SER B 253 27.90 -11.76 27.86
C SER B 253 28.53 -10.52 27.26
N LYS B 254 29.84 -10.43 27.24
CA LYS B 254 30.46 -9.23 26.68
C LYS B 254 30.40 -9.16 25.14
N PRO B 255 30.27 -7.95 24.60
CA PRO B 255 30.24 -7.77 23.14
C PRO B 255 31.41 -8.43 22.39
N GLY B 256 31.10 -9.22 21.38
CA GLY B 256 32.16 -9.98 20.72
C GLY B 256 32.20 -11.45 21.15
N THR B 257 31.49 -11.82 22.23
CA THR B 257 31.20 -13.23 22.51
C THR B 257 30.69 -13.88 21.19
N PHE B 258 29.82 -13.16 20.45
CA PHE B 258 29.40 -13.53 19.11
C PHE B 258 29.73 -12.35 18.23
N ARG B 259 29.68 -12.56 16.93
CA ARG B 259 29.82 -11.47 15.98
C ARG B 259 29.05 -11.79 14.73
N ASN B 260 28.61 -10.74 14.02
CA ASN B 260 27.99 -10.89 12.71
C ASN B 260 26.79 -11.80 12.60
N ILE B 261 25.72 -11.47 13.33
CA ILE B 261 24.52 -12.27 13.29
C ILE B 261 23.44 -11.45 12.56
N ARG B 262 22.81 -12.07 11.59
CA ARG B 262 21.78 -11.42 10.74
C ARG B 262 20.54 -12.30 10.75
N ILE B 263 19.35 -11.70 10.90
CA ILE B 263 18.12 -12.47 10.84
C ILE B 263 17.23 -11.68 9.92
N THR B 264 16.83 -12.31 8.83
CA THR B 264 16.23 -11.58 7.73
C THR B 264 15.05 -12.37 7.14
N GLY B 265 14.34 -11.76 6.17
CA GLY B 265 13.33 -12.42 5.33
C GLY B 265 11.95 -11.98 5.75
N SER B 266 10.97 -12.21 4.91
CA SER B 266 9.63 -11.69 5.21
C SER B 266 8.73 -12.67 5.94
N GLY B 267 9.31 -13.78 6.42
CA GLY B 267 8.58 -14.77 7.20
C GLY B 267 8.25 -14.29 8.61
N VAL B 268 7.61 -15.16 9.38
CA VAL B 268 7.03 -14.86 10.67
C VAL B 268 7.73 -15.71 11.75
N ILE B 269 8.03 -15.09 12.89
CA ILE B 269 8.43 -15.80 14.11
C ILE B 269 7.24 -15.61 15.04
N ASP B 270 6.57 -16.72 15.38
CA ASP B 270 5.41 -16.71 16.23
C ASP B 270 5.78 -17.45 17.51
N GLY B 271 5.74 -16.78 18.66
CA GLY B 271 6.18 -17.40 19.92
C GLY B 271 5.21 -18.40 20.59
N ASN B 272 3.98 -18.45 20.09
CA ASN B 272 2.94 -19.36 20.61
C ASN B 272 2.66 -19.09 22.09
N GLY B 273 2.79 -17.83 22.53
CA GLY B 273 2.63 -17.48 23.96
C GLY B 273 1.21 -17.44 24.52
N TRP B 274 0.28 -16.95 23.72
CA TRP B 274 -1.07 -16.53 24.15
C TRP B 274 -2.16 -16.99 23.20
N LEU B 275 -3.36 -17.17 23.75
CA LEU B 275 -4.60 -17.24 23.00
C LEU B 275 -4.93 -15.88 22.38
N ARG B 276 -5.81 -15.91 21.39
CA ARG B 276 -6.27 -14.70 20.74
C ARG B 276 -7.21 -14.00 21.70
N ALA B 277 -7.34 -12.68 21.57
CA ALA B 277 -8.36 -11.93 22.36
C ALA B 277 -9.77 -12.40 21.93
N LYS B 278 -10.79 -11.94 22.66
CA LYS B 278 -12.17 -12.27 22.32
C LYS B 278 -12.44 -11.80 20.87
N THR B 279 -12.04 -10.57 20.54
CA THR B 279 -11.96 -10.17 19.12
C THR B 279 -10.54 -10.52 18.64
N ALA B 280 -10.44 -11.62 17.89
CA ALA B 280 -9.16 -12.32 17.60
C ALA B 280 -8.32 -11.62 16.55
N GLU B 281 -8.99 -10.81 15.72
CA GLU B 281 -8.34 -10.14 14.62
C GLU B 281 -9.06 -8.78 14.43
N ILE B 282 -8.33 -7.74 14.03
CA ILE B 282 -8.95 -6.53 13.57
C ILE B 282 -8.50 -6.09 12.16
N THR B 283 -9.29 -5.24 11.55
CA THR B 283 -8.95 -4.57 10.32
C THR B 283 -8.38 -3.21 10.70
N ASP B 284 -7.13 -2.95 10.34
CA ASP B 284 -6.46 -1.71 10.72
C ASP B 284 -6.83 -0.55 9.75
N GLU B 285 -6.22 0.62 9.96
CA GLU B 285 -6.52 1.86 9.22
C GLU B 285 -6.18 1.77 7.69
N LEU B 286 -5.45 0.74 7.29
CA LEU B 286 -5.14 0.50 5.91
C LEU B 286 -6.00 -0.63 5.32
N GLY B 287 -6.92 -1.16 6.12
CA GLY B 287 -7.70 -2.32 5.70
C GLY B 287 -6.98 -3.67 5.82
N ARG B 288 -5.84 -3.68 6.50
N ARG B 288 -5.86 -3.69 6.53
CA ARG B 288 -5.08 -4.92 6.62
CA ARG B 288 -5.03 -4.90 6.63
C ARG B 288 -5.45 -5.62 7.93
C ARG B 288 -5.18 -5.57 7.99
N SER B 289 -5.12 -6.89 8.07
CA SER B 289 -5.49 -7.56 9.30
C SER B 289 -4.39 -7.55 10.36
N LEU B 290 -4.81 -7.29 11.60
CA LEU B 290 -3.89 -7.42 12.74
C LEU B 290 -4.44 -8.49 13.64
N PRO B 291 -3.55 -9.38 14.10
CA PRO B 291 -3.93 -10.34 15.16
C PRO B 291 -4.09 -9.60 16.47
N GLN B 292 -4.94 -10.12 17.36
CA GLN B 292 -5.09 -9.54 18.67
C GLN B 292 -4.92 -10.64 19.69
N TYR B 293 -3.97 -10.47 20.60
CA TYR B 293 -3.66 -11.45 21.62
C TYR B 293 -4.28 -11.04 22.93
N VAL B 294 -4.83 -12.01 23.64
CA VAL B 294 -5.42 -11.74 24.96
C VAL B 294 -4.39 -11.01 25.87
N ALA B 295 -4.90 -9.97 26.55
CA ALA B 295 -4.20 -9.23 27.56
C ALA B 295 -4.43 -9.89 28.92
N SER B 296 -3.41 -10.57 29.43
CA SER B 296 -3.55 -11.33 30.66
C SER B 296 -2.83 -10.69 31.87
N LYS B 297 -2.74 -11.43 32.98
CA LYS B 297 -2.05 -10.99 34.20
C LYS B 297 -1.75 -12.30 34.95
N ASN B 298 -0.95 -12.23 36.02
CA ASN B 298 -0.52 -13.50 36.64
C ASN B 298 -1.64 -14.44 37.09
N SER B 299 -2.75 -13.91 37.62
CA SER B 299 -3.91 -14.77 38.05
C SER B 299 -4.75 -15.37 36.91
N LYS B 300 -4.50 -14.93 35.68
CA LYS B 300 -5.34 -15.32 34.58
C LYS B 300 -4.63 -16.15 33.52
N VAL B 301 -3.31 -16.30 33.65
CA VAL B 301 -2.47 -16.95 32.63
C VAL B 301 -2.86 -18.40 32.40
N HIS B 302 -3.44 -19.02 33.43
CA HIS B 302 -3.92 -20.38 33.29
C HIS B 302 -5.13 -20.44 32.35
N GLU B 303 -5.90 -19.37 32.19
CA GLU B 303 -6.99 -19.34 31.18
C GLU B 303 -6.50 -18.76 29.82
N ASP B 304 -5.51 -17.86 29.85
CA ASP B 304 -5.15 -17.02 28.66
C ASP B 304 -3.94 -17.51 27.87
N GLY B 305 -3.04 -18.24 28.52
CA GLY B 305 -1.79 -18.59 27.87
C GLY B 305 -1.81 -19.88 27.09
N ILE B 306 -0.77 -20.03 26.26
CA ILE B 306 -0.39 -21.29 25.65
C ILE B 306 0.99 -21.65 26.21
N LEU B 307 2.08 -21.25 25.57
CA LEU B 307 3.38 -21.46 26.14
C LEU B 307 3.46 -20.74 27.49
N ALA B 308 2.92 -19.52 27.55
CA ALA B 308 2.92 -18.73 28.75
C ALA B 308 2.25 -19.46 29.95
N LYS B 309 1.08 -20.06 29.69
CA LYS B 309 0.38 -20.83 30.71
C LYS B 309 1.26 -22.01 31.15
N ASN B 310 1.78 -22.76 30.17
CA ASN B 310 2.49 -23.99 30.48
C ASN B 310 3.75 -23.68 31.27
N GLN B 311 4.45 -22.60 30.89
CA GLN B 311 5.73 -22.24 31.53
C GLN B 311 5.48 -21.78 32.92
N VAL B 312 4.48 -20.96 33.12
CA VAL B 312 4.15 -20.47 34.44
C VAL B 312 3.66 -21.62 35.40
N GLU B 313 2.84 -22.53 34.88
CA GLU B 313 2.35 -23.69 35.67
C GLU B 313 3.50 -24.65 36.06
N LYS B 314 4.37 -24.95 35.13
CA LYS B 314 5.55 -25.71 35.47
C LYS B 314 6.41 -25.03 36.54
N ALA B 315 6.65 -23.73 36.43
CA ALA B 315 7.49 -22.99 37.37
C ALA B 315 6.90 -23.03 38.78
N VAL B 316 5.58 -22.77 38.87
CA VAL B 316 4.82 -22.89 40.13
C VAL B 316 4.81 -24.35 40.67
N SER B 317 4.56 -25.32 39.80
CA SER B 317 4.66 -26.71 40.22
C SER B 317 6.00 -26.99 40.92
N ASP B 318 7.10 -26.54 40.30
CA ASP B 318 8.48 -26.70 40.77
C ASP B 318 8.84 -25.93 42.04
N GLY B 319 7.94 -25.06 42.54
CA GLY B 319 8.12 -24.32 43.77
C GLY B 319 8.17 -22.82 43.70
N MET B 320 8.21 -22.26 42.49
CA MET B 320 8.30 -20.79 42.38
C MET B 320 6.95 -20.15 42.68
N ASP B 321 6.91 -19.00 43.35
CA ASP B 321 5.61 -18.37 43.53
C ASP B 321 5.13 -17.71 42.20
N LEU B 322 3.84 -17.42 42.13
CA LEU B 322 3.16 -17.14 40.88
C LEU B 322 3.72 -15.88 40.27
N LYS B 323 3.93 -14.86 41.12
CA LYS B 323 4.51 -13.58 40.71
C LYS B 323 5.87 -13.69 40.00
N ASN B 324 6.76 -14.49 40.60
CA ASN B 324 8.08 -14.71 40.04
C ASN B 324 8.05 -15.63 38.83
N ALA B 325 7.15 -16.58 38.83
CA ALA B 325 6.96 -17.47 37.68
C ALA B 325 6.46 -16.65 36.47
N TYR B 326 5.42 -15.86 36.68
CA TYR B 326 4.91 -14.94 35.69
C TYR B 326 5.96 -13.89 35.25
N GLY B 327 6.68 -13.31 36.21
CA GLY B 327 7.61 -12.25 35.91
C GLY B 327 8.87 -12.69 35.23
N GLN B 328 9.26 -13.98 35.41
CA GLN B 328 10.59 -14.40 34.97
C GLN B 328 10.66 -15.63 34.13
N ARG B 329 9.66 -16.53 34.24
CA ARG B 329 9.81 -17.86 33.65
C ARG B 329 9.07 -18.03 32.29
N ARG B 330 8.57 -16.94 31.69
CA ARG B 330 8.02 -17.02 30.30
C ARG B 330 9.10 -16.68 29.29
N SER B 331 9.14 -17.44 28.21
CA SER B 331 10.14 -17.25 27.16
C SER B 331 9.87 -16.04 26.31
N SER B 332 10.91 -15.23 26.13
CA SER B 332 10.85 -14.18 25.16
C SER B 332 11.00 -14.80 23.79
N LEU B 333 10.76 -13.99 22.78
CA LEU B 333 10.85 -14.45 21.43
C LEU B 333 12.30 -14.52 20.95
N MET B 334 13.06 -13.48 21.22
CA MET B 334 14.44 -13.48 20.77
C MET B 334 15.33 -12.81 21.84
N THR B 335 16.49 -13.41 22.12
CA THR B 335 17.45 -12.82 23.02
C THR B 335 18.84 -13.04 22.46
N LEU B 336 19.47 -11.93 22.06
CA LEU B 336 20.77 -11.89 21.47
C LEU B 336 21.66 -11.19 22.47
N ARG B 337 22.76 -11.81 22.88
CA ARG B 337 23.56 -11.25 23.93
C ARG B 337 25.06 -11.39 23.69
N GLY B 338 25.77 -10.26 23.73
CA GLY B 338 27.21 -10.22 23.50
C GLY B 338 27.60 -10.25 22.04
N VAL B 339 26.77 -9.71 21.17
CA VAL B 339 27.05 -9.76 19.74
C VAL B 339 27.62 -8.44 19.24
N GLU B 340 28.81 -8.47 18.65
CA GLU B 340 29.35 -7.38 17.86
C GLU B 340 28.74 -7.53 16.43
N ASN B 341 27.84 -6.60 16.06
CA ASN B 341 27.23 -6.45 14.71
C ASN B 341 26.02 -7.36 14.49
N VAL B 342 24.82 -6.82 14.53
CA VAL B 342 23.59 -7.58 14.39
C VAL B 342 22.74 -6.86 13.34
N TYR B 343 22.18 -7.65 12.41
CA TYR B 343 21.26 -7.07 11.46
C TYR B 343 19.94 -7.83 11.43
N LEU B 344 18.85 -7.14 11.76
CA LEU B 344 17.51 -7.73 11.80
C LEU B 344 16.68 -7.06 10.70
N ALA B 345 16.06 -7.82 9.80
CA ALA B 345 15.28 -7.14 8.77
C ALA B 345 14.08 -7.95 8.31
N GLY B 346 12.97 -7.27 7.98
CA GLY B 346 11.92 -7.80 7.08
C GLY B 346 10.86 -8.62 7.81
N PHE B 347 11.26 -9.26 8.91
CA PHE B 347 10.45 -10.34 9.47
C PHE B 347 9.31 -9.81 10.33
N THR B 348 8.26 -10.62 10.45
CA THR B 348 7.13 -10.36 11.34
C THR B 348 7.28 -11.09 12.69
N VAL B 349 6.98 -10.36 13.75
CA VAL B 349 6.98 -10.96 15.07
C VAL B 349 5.55 -11.02 15.58
N ARG B 350 5.15 -12.19 16.10
CA ARG B 350 3.83 -12.37 16.71
C ARG B 350 3.87 -13.20 17.99
N ASN B 351 2.91 -12.94 18.87
CA ASN B 351 2.53 -13.87 19.93
C ASN B 351 3.74 -14.30 20.81
N PRO B 352 4.52 -13.36 21.36
CA PRO B 352 5.65 -13.84 22.22
C PRO B 352 5.06 -14.35 23.55
N ALA B 353 5.70 -15.31 24.22
CA ALA B 353 5.25 -15.66 25.59
C ALA B 353 5.64 -14.59 26.63
N PHE B 354 6.71 -13.84 26.36
CA PHE B 354 7.17 -12.77 27.25
C PHE B 354 7.52 -11.51 26.36
N HIS B 355 8.79 -11.09 26.36
CA HIS B 355 9.26 -9.98 25.52
C HIS B 355 9.40 -10.38 24.06
N GLY B 356 9.52 -9.38 23.18
CA GLY B 356 9.75 -9.67 21.76
C GLY B 356 11.23 -9.79 21.47
N ILE B 357 11.83 -8.76 20.90
CA ILE B 357 13.21 -8.87 20.52
C ILE B 357 14.09 -8.18 21.59
N MET B 358 15.00 -8.95 22.20
CA MET B 358 15.94 -8.46 23.21
C MET B 358 17.37 -8.47 22.67
N ASN B 359 18.00 -7.31 22.80
CA ASN B 359 19.43 -7.11 22.55
C ASN B 359 20.11 -6.77 23.85
N LEU B 360 20.97 -7.67 24.32
CA LEU B 360 21.64 -7.46 25.59
C LEU B 360 23.14 -7.34 25.39
N GLU B 361 23.75 -6.22 25.78
CA GLU B 361 25.23 -6.07 25.64
C GLU B 361 25.66 -6.30 24.22
N ASN B 362 24.96 -5.69 23.25
CA ASN B 362 25.35 -5.82 21.82
C ASN B 362 25.95 -4.52 21.32
N HIS B 363 26.69 -4.60 20.21
CA HIS B 363 27.11 -3.38 19.51
C HIS B 363 26.66 -3.46 18.08
N ASN B 364 26.32 -2.31 17.52
CA ASN B 364 26.04 -2.14 16.10
C ASN B 364 24.87 -2.98 15.69
N VAL B 365 23.72 -2.73 16.32
CA VAL B 365 22.50 -3.49 16.05
C VAL B 365 21.64 -2.68 15.09
N VAL B 366 21.19 -3.31 14.00
CA VAL B 366 20.26 -2.64 13.06
C VAL B 366 18.99 -3.43 12.92
N ALA B 367 17.85 -2.75 12.98
CA ALA B 367 16.54 -3.38 12.86
C ALA B 367 15.80 -2.67 11.80
N ASN B 368 15.70 -3.30 10.63
CA ASN B 368 15.14 -2.65 9.46
C ASN B 368 13.86 -3.28 8.94
N GLY B 369 12.74 -2.60 9.05
CA GLY B 369 11.53 -3.11 8.36
C GLY B 369 10.93 -4.35 9.06
N LEU B 370 11.17 -4.48 10.36
CA LEU B 370 10.45 -5.48 11.16
C LEU B 370 9.00 -5.06 11.33
N ILE B 371 8.13 -6.06 11.43
CA ILE B 371 6.71 -5.89 11.64
C ILE B 371 6.34 -6.51 12.96
N HIS B 372 5.94 -5.68 13.93
CA HIS B 372 5.66 -6.23 15.26
C HIS B 372 4.18 -6.29 15.41
N GLN B 373 3.64 -7.48 15.57
CA GLN B 373 2.20 -7.62 15.76
C GLN B 373 1.95 -8.42 17.03
N THR B 374 2.04 -7.76 18.19
CA THR B 374 2.02 -8.52 19.42
C THR B 374 1.02 -7.96 20.46
N TYR B 375 0.15 -7.07 19.99
CA TYR B 375 -0.89 -6.50 20.85
C TYR B 375 -1.91 -7.61 21.16
N ASP B 376 -2.31 -7.83 22.43
CA ASP B 376 -1.81 -7.12 23.61
C ASP B 376 -1.15 -8.13 24.58
N ALA B 377 -0.20 -8.90 24.06
CA ALA B 377 0.60 -9.85 24.81
C ALA B 377 1.29 -9.11 26.00
N ASN B 378 1.02 -9.59 27.22
CA ASN B 378 1.53 -8.90 28.43
C ASN B 378 3.07 -8.98 28.49
N ASN B 379 3.69 -7.82 28.59
CA ASN B 379 5.15 -7.65 28.50
C ASN B 379 5.74 -7.87 27.14
N GLY B 380 4.89 -7.98 26.11
CA GLY B 380 5.37 -8.23 24.76
C GLY B 380 5.77 -6.90 24.13
N ASP B 381 6.89 -6.35 24.61
CA ASP B 381 7.42 -5.14 23.97
C ASP B 381 8.10 -5.43 22.64
N GLY B 382 8.19 -4.43 21.76
CA GLY B 382 8.70 -4.65 20.40
C GLY B 382 10.17 -5.02 20.37
N ILE B 383 11.04 -4.06 20.67
CA ILE B 383 12.52 -4.25 20.77
C ILE B 383 13.04 -3.64 22.06
N GLU B 384 13.83 -4.43 22.80
CA GLU B 384 14.47 -3.97 24.02
C GLU B 384 15.93 -3.84 23.70
N PHE B 385 16.53 -2.74 24.09
CA PHE B 385 17.96 -2.61 24.04
C PHE B 385 18.50 -2.47 25.46
N GLY B 386 19.44 -3.32 25.85
CA GLY B 386 19.92 -3.36 27.23
C GLY B 386 21.43 -3.24 27.23
N ASN B 387 21.96 -2.20 27.85
CA ASN B 387 23.43 -1.98 27.98
C ASN B 387 24.14 -2.20 26.66
N SER B 388 23.55 -1.68 25.59
CA SER B 388 24.08 -1.87 24.24
C SER B 388 24.58 -0.54 23.72
N GLN B 389 25.36 -0.56 22.63
CA GLN B 389 25.81 0.68 22.00
C GLN B 389 25.61 0.68 20.55
N ASN B 390 25.09 1.78 20.04
CA ASN B 390 24.96 2.02 18.61
C ASN B 390 23.93 1.11 17.94
N VAL B 391 22.68 1.45 18.15
CA VAL B 391 21.57 0.70 17.66
C VAL B 391 20.71 1.66 16.82
N MET B 392 20.10 1.07 15.79
CA MET B 392 19.36 1.82 14.76
C MET B 392 18.10 1.00 14.43
N VAL B 393 16.95 1.67 14.35
CA VAL B 393 15.65 1.04 14.09
C VAL B 393 15.03 1.97 13.04
N PHE B 394 14.73 1.45 11.86
CA PHE B 394 14.01 2.25 10.88
C PHE B 394 13.05 1.36 10.06
N ASN B 395 12.06 1.99 9.44
CA ASN B 395 11.05 1.30 8.63
C ASN B 395 10.22 0.24 9.36
N ASN B 396 10.31 0.21 10.70
CA ASN B 396 9.53 -0.79 11.48
C ASN B 396 8.06 -0.38 11.61
N PHE B 397 7.19 -1.38 11.71
CA PHE B 397 5.79 -1.19 12.05
C PHE B 397 5.59 -1.79 13.45
N PHE B 398 5.05 -1.03 14.41
CA PHE B 398 4.87 -1.53 15.77
C PHE B 398 3.41 -1.59 16.15
N ASP B 399 2.94 -2.73 16.61
CA ASP B 399 1.62 -2.78 17.24
C ASP B 399 1.86 -3.81 18.34
N THR B 400 2.18 -3.34 19.54
CA THR B 400 2.84 -4.20 20.52
C THR B 400 2.01 -4.29 21.80
N GLY B 401 2.24 -5.39 22.51
CA GLY B 401 1.61 -5.61 23.78
C GLY B 401 2.14 -4.78 24.91
N ASP B 402 3.32 -4.17 24.77
CA ASP B 402 3.94 -3.37 25.82
C ASP B 402 4.71 -2.21 25.12
N ASP B 403 5.84 -1.73 25.64
CA ASP B 403 6.58 -0.61 25.02
C ASP B 403 6.93 -0.98 23.59
N CYS B 404 6.93 -0.01 22.65
CA CYS B 404 7.37 -0.35 21.29
C CYS B 404 8.89 -0.56 21.26
N ILE B 405 9.66 0.46 21.63
CA ILE B 405 11.12 0.38 21.74
C ILE B 405 11.44 0.71 23.22
N ASN B 406 12.07 -0.22 23.92
CA ASN B 406 12.50 0.00 25.30
C ASN B 406 14.03 0.03 25.44
N PHE B 407 14.56 0.99 26.20
CA PHE B 407 15.97 1.03 26.58
C PHE B 407 16.20 0.73 28.03
N ALA B 408 17.20 -0.09 28.31
CA ALA B 408 17.49 -0.51 29.68
C ALA B 408 18.98 -0.41 29.92
N ALA B 409 19.38 -0.18 31.18
CA ALA B 409 20.76 -0.02 31.52
C ALA B 409 21.06 -0.50 32.96
N GLY B 410 20.34 -1.50 33.46
CA GLY B 410 20.67 -2.01 34.83
C GLY B 410 19.99 -1.21 35.94
N THR B 411 20.21 -1.62 37.19
CA THR B 411 19.47 -1.07 38.34
C THR B 411 20.38 -0.98 39.56
N GLY B 412 20.43 0.20 40.19
CA GLY B 412 21.08 0.33 41.49
C GLY B 412 22.60 0.51 41.39
N GLU B 413 23.27 0.33 42.53
CA GLU B 413 24.68 0.63 42.70
C GLU B 413 25.62 -0.25 41.86
N LYS B 414 25.26 -1.52 41.69
CA LYS B 414 25.99 -2.47 40.83
C LYS B 414 25.94 -2.09 39.33
N ALA B 415 24.99 -1.27 38.92
CA ALA B 415 24.95 -0.72 37.56
C ALA B 415 26.13 0.20 37.26
N GLN B 416 26.76 0.78 38.30
CA GLN B 416 28.01 1.54 38.12
C GLN B 416 29.09 0.76 37.38
N GLU B 417 29.04 -0.57 37.44
CA GLU B 417 30.00 -1.46 36.77
C GLU B 417 29.59 -1.81 35.38
N GLN B 418 28.42 -1.37 34.97
CA GLN B 418 27.90 -1.81 33.66
C GLN B 418 28.13 -0.71 32.63
N GLU B 419 28.11 -1.11 31.37
CA GLU B 419 28.14 -0.14 30.28
C GLU B 419 26.77 0.53 30.09
N PRO B 420 26.80 1.81 29.72
CA PRO B 420 25.57 2.55 29.47
C PRO B 420 24.91 2.01 28.19
N MET B 421 23.62 2.25 28.11
CA MET B 421 22.86 2.07 26.89
C MET B 421 23.05 3.39 26.11
N LYS B 422 23.97 3.37 25.15
CA LYS B 422 24.41 4.57 24.49
C LYS B 422 24.36 4.50 22.96
N GLY B 423 23.70 5.47 22.32
CA GLY B 423 23.80 5.62 20.86
C GLY B 423 22.64 4.88 20.22
N ALA B 424 21.49 5.56 20.07
CA ALA B 424 20.39 4.92 19.41
C ALA B 424 19.80 5.89 18.40
N TRP B 425 19.41 5.39 17.24
CA TRP B 425 18.83 6.22 16.20
C TRP B 425 17.57 5.55 15.60
N LEU B 426 16.43 6.19 15.75
CA LEU B 426 15.16 5.55 15.48
C LEU B 426 14.48 6.48 14.54
N PHE B 427 14.22 6.05 13.30
CA PHE B 427 13.65 6.97 12.32
C PHE B 427 12.80 6.26 11.31
N ASN B 428 11.88 6.99 10.69
CA ASN B 428 11.01 6.45 9.63
C ASN B 428 10.24 5.18 10.06
N ASN B 429 9.82 5.11 11.33
CA ASN B 429 9.00 4.04 11.87
C ASN B 429 7.56 4.50 11.98
N TYR B 430 6.63 3.57 11.93
CA TYR B 430 5.25 3.89 12.24
C TYR B 430 4.92 3.11 13.52
N PHE B 431 4.53 3.83 14.56
CA PHE B 431 4.14 3.20 15.85
C PHE B 431 2.62 3.21 15.90
N ARG B 432 2.01 2.06 16.06
CA ARG B 432 0.62 2.00 16.21
C ARG B 432 0.43 1.84 17.72
N MET B 433 -0.19 0.75 18.15
CA MET B 433 -0.45 0.51 19.58
C MET B 433 0.82 0.08 20.33
N GLY B 434 0.89 0.45 21.61
CA GLY B 434 2.06 0.16 22.43
C GLY B 434 2.08 1.09 23.61
N HIS B 435 2.88 0.78 24.63
CA HIS B 435 2.85 1.58 25.86
C HIS B 435 3.61 2.90 25.79
N GLY B 436 4.41 3.04 24.76
CA GLY B 436 5.24 4.20 24.60
C GLY B 436 6.00 3.87 23.35
N ALA B 437 6.15 4.84 22.46
CA ALA B 437 6.93 4.65 21.23
C ALA B 437 8.39 4.49 21.57
N ILE B 438 8.90 5.39 22.43
CA ILE B 438 10.32 5.46 22.78
C ILE B 438 10.37 5.48 24.31
N VAL B 439 10.94 4.45 24.95
CA VAL B 439 10.84 4.36 26.42
C VAL B 439 12.20 4.18 26.99
N THR B 440 12.65 5.18 27.76
CA THR B 440 13.93 5.09 28.44
C THR B 440 13.76 4.98 29.96
N GLY B 441 13.92 3.84 30.60
CA GLY B 441 13.61 2.61 30.06
C GLY B 441 12.69 2.00 31.10
N SER B 442 12.83 2.53 32.32
CA SER B 442 12.84 2.01 33.76
C SER B 442 14.21 1.69 34.43
N HIS B 443 14.96 0.77 33.84
CA HIS B 443 16.31 0.44 34.27
C HIS B 443 17.32 1.48 33.76
N THR B 444 17.73 2.43 34.58
CA THR B 444 18.53 3.56 34.08
C THR B 444 19.90 3.60 34.71
N GLY B 445 20.20 2.51 35.45
CA GLY B 445 21.29 2.47 36.43
C GLY B 445 22.64 2.87 35.84
N ALA B 446 23.00 2.33 34.66
CA ALA B 446 24.28 2.63 34.01
C ALA B 446 24.19 3.82 32.99
N TRP B 447 23.01 4.43 32.87
CA TRP B 447 22.65 5.56 32.00
C TRP B 447 22.13 5.05 30.68
N ILE B 448 21.09 5.71 30.20
CA ILE B 448 20.61 5.60 28.86
C ILE B 448 20.91 6.99 28.26
N GLU B 449 21.63 7.03 27.14
CA GLU B 449 22.09 8.31 26.62
C GLU B 449 22.28 8.30 25.11
N ASP B 450 22.21 9.47 24.48
CA ASP B 450 22.51 9.67 23.05
C ASP B 450 21.47 8.98 22.18
N ILE B 451 20.23 9.39 22.40
CA ILE B 451 19.09 8.82 21.72
C ILE B 451 18.50 9.86 20.78
N LEU B 452 18.31 9.51 19.51
CA LEU B 452 17.70 10.42 18.55
C LEU B 452 16.52 9.70 17.85
N ALA B 453 15.31 10.20 18.07
CA ALA B 453 14.11 9.67 17.44
C ALA B 453 13.59 10.78 16.59
N GLU B 454 13.57 10.60 15.26
CA GLU B 454 13.21 11.66 14.33
C GLU B 454 12.51 11.05 13.12
N ASN B 455 11.62 11.83 12.51
CA ASN B 455 10.88 11.43 11.27
C ASN B 455 10.09 10.13 11.41
N ASN B 456 9.28 10.07 12.48
CA ASN B 456 8.46 8.92 12.82
C ASN B 456 7.05 9.39 12.91
N VAL B 457 6.13 8.45 12.83
CA VAL B 457 4.74 8.76 12.97
C VAL B 457 4.15 7.82 14.07
N MET B 458 3.30 8.39 14.93
CA MET B 458 2.61 7.62 15.96
C MET B 458 1.08 7.77 15.81
N TYR B 459 0.39 6.64 15.82
CA TYR B 459 -1.04 6.67 15.74
C TYR B 459 -1.57 5.65 16.71
N LEU B 460 -2.32 6.11 17.71
CA LEU B 460 -2.96 5.23 18.68
C LEU B 460 -2.05 4.68 19.79
N THR B 461 -0.76 5.05 19.73
CA THR B 461 0.24 4.72 20.77
C THR B 461 -0.11 5.36 22.13
N ASP B 462 0.15 4.70 23.25
CA ASP B 462 -0.12 5.33 24.57
C ASP B 462 0.58 6.67 24.73
N ILE B 463 1.88 6.73 24.39
CA ILE B 463 2.74 7.84 24.78
C ILE B 463 3.81 7.94 23.72
N GLY B 464 4.16 9.17 23.31
CA GLY B 464 5.28 9.40 22.37
C GLY B 464 6.65 9.13 22.96
N LEU B 465 7.00 9.85 24.04
CA LEU B 465 8.26 9.69 24.73
C LEU B 465 8.04 9.49 26.24
N ARG B 466 8.53 8.37 26.77
CA ARG B 466 8.40 8.04 28.18
C ARG B 466 9.79 7.87 28.77
N ALA B 467 10.15 8.67 29.77
CA ALA B 467 11.33 8.39 30.55
C ALA B 467 10.88 8.13 31.98
N LYS B 468 11.36 7.05 32.56
CA LYS B 468 10.99 6.67 33.92
C LYS B 468 12.17 6.03 34.63
N SER B 469 12.20 6.24 35.95
CA SER B 469 13.17 5.60 36.82
C SER B 469 12.69 5.77 38.26
N THR B 470 13.58 5.48 39.22
CA THR B 470 13.28 5.67 40.64
C THR B 470 14.54 6.21 41.28
N SER B 471 14.45 6.96 42.39
CA SER B 471 15.65 7.31 43.19
C SER B 471 16.65 6.13 43.39
N THR B 472 16.16 4.95 43.74
CA THR B 472 17.08 3.82 44.01
C THR B 472 17.71 3.10 42.77
N ILE B 473 17.07 3.16 41.60
CA ILE B 473 17.66 2.65 40.36
C ILE B 473 18.96 3.44 40.01
N GLY B 474 19.00 4.76 40.22
CA GLY B 474 20.23 5.53 39.89
C GLY B 474 20.40 5.80 38.40
N GLY B 475 21.50 6.43 38.02
CA GLY B 475 21.80 6.78 36.64
C GLY B 475 20.75 7.71 36.14
N GLY B 476 20.13 7.36 35.03
CA GLY B 476 19.08 8.20 34.46
C GLY B 476 19.19 8.15 32.97
N ALA B 477 18.65 9.17 32.33
CA ALA B 477 18.73 9.29 30.86
C ALA B 477 19.17 10.69 30.54
N ARG B 478 20.03 10.80 29.53
CA ARG B 478 20.50 12.12 29.12
C ARG B 478 20.81 12.16 27.64
N ASN B 479 20.81 13.36 27.07
CA ASN B 479 21.07 13.54 25.63
C ASN B 479 20.07 12.75 24.80
N VAL B 480 18.80 13.08 25.03
CA VAL B 480 17.74 12.41 24.34
C VAL B 480 17.05 13.46 23.47
N THR B 481 16.98 13.20 22.16
CA THR B 481 16.30 14.11 21.23
C THR B 481 15.12 13.41 20.56
N PHE B 482 13.96 14.04 20.64
CA PHE B 482 12.75 13.58 20.01
C PHE B 482 12.27 14.75 19.15
N ARG B 483 12.38 14.64 17.84
CA ARG B 483 12.14 15.78 16.95
C ARG B 483 11.57 15.32 15.62
N ASN B 484 10.83 16.20 14.95
CA ASN B 484 10.36 15.91 13.60
C ASN B 484 9.47 14.66 13.58
N ASN B 485 8.57 14.59 14.56
CA ASN B 485 7.64 13.46 14.67
C ASN B 485 6.21 13.96 14.64
N ALA B 486 5.33 13.17 14.05
CA ALA B 486 3.94 13.52 13.97
C ALA B 486 3.12 12.44 14.73
N MET B 487 2.17 12.88 15.54
CA MET B 487 1.41 11.99 16.41
C MET B 487 -0.09 12.27 16.40
N ARG B 488 -0.91 11.22 16.43
CA ARG B 488 -2.33 11.37 16.38
C ARG B 488 -3.00 10.35 17.23
N ASP B 489 -4.04 10.76 17.96
CA ASP B 489 -4.87 9.83 18.76
C ASP B 489 -4.06 9.00 19.79
N LEU B 490 -3.12 9.64 20.46
CA LEU B 490 -2.40 8.97 21.54
C LEU B 490 -3.41 8.68 22.65
N ALA B 491 -3.39 7.44 23.18
CA ALA B 491 -4.35 6.96 24.19
C ALA B 491 -4.10 7.58 25.59
N LYS B 492 -2.88 8.02 25.85
CA LYS B 492 -2.55 8.46 27.20
C LYS B 492 -1.99 9.86 27.25
N GLN B 493 -0.72 10.07 26.91
CA GLN B 493 0.00 11.31 27.14
C GLN B 493 0.99 11.51 26.04
N VAL B 494 1.59 12.69 25.97
CA VAL B 494 2.52 13.02 24.91
C VAL B 494 3.96 12.69 25.33
N MET B 495 4.44 13.36 26.38
CA MET B 495 5.80 13.15 26.86
C MET B 495 5.69 13.09 28.35
N VAL B 496 6.25 12.02 28.94
CA VAL B 496 6.18 11.77 30.36
C VAL B 496 7.58 11.38 30.87
N MET B 497 8.12 12.15 31.82
CA MET B 497 9.42 11.95 32.43
C MET B 497 9.22 11.97 33.94
N THR B 498 9.27 10.81 34.56
CA THR B 498 8.99 10.74 35.99
C THR B 498 9.95 9.83 36.74
N LEU B 499 10.12 10.16 38.01
CA LEU B 499 10.62 9.25 39.04
C LEU B 499 9.47 8.61 39.82
N ASP B 500 9.40 7.29 39.82
CA ASP B 500 8.30 6.58 40.45
C ASP B 500 8.78 5.81 41.69
N TYR B 501 7.87 5.14 42.38
CA TYR B 501 8.20 4.07 43.33
C TYR B 501 7.78 2.84 42.49
N ALA B 502 8.36 1.65 42.61
CA ALA B 502 8.82 0.92 43.80
C ALA B 502 9.62 1.67 44.85
N ILE B 508 17.09 -8.74 41.72
CA ILE B 508 16.14 -8.38 42.81
C ILE B 508 16.29 -9.21 44.12
N ASP B 509 16.48 -8.48 45.22
CA ASP B 509 16.70 -7.04 45.03
C ASP B 509 18.21 -6.82 44.82
N TYR B 510 18.59 -5.56 44.66
CA TYR B 510 19.94 -5.20 44.26
C TYR B 510 20.30 -4.11 45.26
N PRO B 511 21.61 -3.85 45.48
CA PRO B 511 21.94 -2.65 46.29
C PRO B 511 21.42 -1.34 45.63
N PRO B 512 20.75 -0.48 46.42
CA PRO B 512 20.13 0.70 45.80
C PRO B 512 21.24 1.68 45.41
N ALA B 513 20.98 2.53 44.42
CA ALA B 513 21.96 3.55 44.08
C ALA B 513 22.01 4.61 45.19
N LYS B 514 23.16 5.24 45.36
CA LYS B 514 23.37 6.27 46.38
C LYS B 514 22.86 7.64 45.90
N ILE B 515 22.98 7.86 44.59
CA ILE B 515 22.51 9.07 43.90
C ILE B 515 21.23 8.78 43.09
N PRO B 516 20.14 9.54 43.34
CA PRO B 516 18.89 9.34 42.61
C PRO B 516 19.09 9.48 41.10
N ALA B 517 18.30 8.72 40.36
CA ALA B 517 18.15 8.87 38.92
C ALA B 517 17.82 10.32 38.55
N GLN B 518 18.29 10.74 37.38
CA GLN B 518 18.06 12.08 36.92
C GLN B 518 17.88 12.05 35.41
N PHE B 519 17.05 12.93 34.89
CA PHE B 519 16.93 13.18 33.45
C PHE B 519 17.46 14.55 33.09
N TYR B 520 18.33 14.62 32.09
CA TYR B 520 18.74 15.92 31.63
C TYR B 520 19.11 15.96 30.17
N ASP B 521 19.04 17.16 29.62
CA ASP B 521 19.40 17.41 28.23
C ASP B 521 18.50 16.59 27.32
N PHE B 522 17.22 16.90 27.42
CA PHE B 522 16.19 16.32 26.62
C PHE B 522 15.80 17.43 25.71
N THR B 523 15.69 17.08 24.42
CA THR B 523 15.17 18.00 23.41
C THR B 523 13.90 17.45 22.74
N LEU B 524 12.79 18.19 22.87
CA LEU B 524 11.54 17.91 22.18
C LEU B 524 11.28 19.06 21.20
N LYS B 525 11.30 18.77 19.90
CA LYS B 525 11.34 19.81 18.89
C LYS B 525 10.63 19.47 17.56
N ASN B 526 9.81 20.38 17.06
CA ASN B 526 9.15 20.23 15.75
C ASN B 526 8.27 19.01 15.76
N VAL B 527 7.37 18.95 16.72
CA VAL B 527 6.54 17.78 16.98
C VAL B 527 5.11 18.30 16.97
N THR B 528 4.21 17.53 16.34
CA THR B 528 2.79 17.83 16.34
C THR B 528 2.01 16.66 16.91
N VAL B 529 0.96 16.98 17.67
CA VAL B 529 0.04 16.03 18.23
C VAL B 529 -1.38 16.50 18.01
N ASP B 530 -2.17 15.68 17.35
CA ASP B 530 -3.60 15.86 17.26
C ASP B 530 -4.34 14.78 18.06
N ASN B 531 -4.91 15.20 19.18
CA ASN B 531 -5.66 14.36 20.09
C ASN B 531 -4.75 13.49 20.94
N SER B 532 -4.71 13.79 22.22
CA SER B 532 -4.22 12.84 23.21
C SER B 532 -5.41 12.69 24.16
N THR B 533 -6.01 11.50 24.16
CA THR B 533 -7.34 11.29 24.70
C THR B 533 -7.38 10.77 26.14
N GLY B 534 -6.21 10.65 26.78
CA GLY B 534 -6.14 10.28 28.20
C GLY B 534 -6.30 11.47 29.14
N LYS B 535 -6.66 11.15 30.39
CA LYS B 535 -6.97 12.11 31.46
C LYS B 535 -5.72 12.73 32.14
N ASN B 536 -4.56 12.08 32.02
CA ASN B 536 -3.35 12.57 32.67
C ASN B 536 -2.67 13.69 31.84
N PRO B 537 -1.76 14.45 32.49
CA PRO B 537 -1.13 15.60 31.86
C PRO B 537 -0.46 15.30 30.52
N SER B 538 -0.73 16.15 29.52
CA SER B 538 -0.20 15.96 28.16
C SER B 538 1.34 15.88 28.18
N ILE B 539 1.97 16.78 28.95
CA ILE B 539 3.41 16.75 29.20
C ILE B 539 3.54 16.69 30.70
N GLU B 540 4.15 15.62 31.16
CA GLU B 540 4.31 15.37 32.55
C GLU B 540 5.79 15.18 32.89
N ILE B 541 6.35 16.10 33.68
CA ILE B 541 7.73 16.04 34.18
C ILE B 541 7.69 16.14 35.69
N LYS B 542 8.29 15.15 36.37
CA LYS B 542 8.32 15.05 37.83
C LYS B 542 9.57 14.35 38.29
N GLY B 543 10.08 14.80 39.42
CA GLY B 543 11.24 14.17 40.05
C GLY B 543 10.85 14.04 41.50
N ASP B 544 11.75 14.43 42.39
CA ASP B 544 11.47 14.47 43.81
C ASP B 544 12.53 15.36 44.44
N THR B 545 12.29 16.67 44.36
CA THR B 545 13.19 17.69 44.96
C THR B 545 13.39 17.47 46.47
N ALA B 546 12.36 16.97 47.17
CA ALA B 546 12.47 16.61 48.61
C ALA B 546 13.53 15.55 48.90
N ASN B 547 13.85 14.75 47.88
CA ASN B 547 14.88 13.74 47.96
C ASN B 547 16.09 14.13 47.12
N LYS B 548 16.21 15.41 46.87
CA LYS B 548 17.31 15.99 46.06
C LYS B 548 17.35 15.43 44.62
N ALA B 549 16.17 15.13 44.08
CA ALA B 549 16.12 14.56 42.73
C ALA B 549 15.34 15.50 41.77
N TRP B 550 16.07 16.26 40.98
CA TRP B 550 15.40 17.03 39.98
C TRP B 550 16.02 16.78 38.62
N HIS B 551 15.28 17.15 37.60
CA HIS B 551 15.70 17.11 36.22
C HIS B 551 16.21 18.50 35.76
N ARG B 552 16.90 18.53 34.64
CA ARG B 552 17.32 19.81 34.07
C ARG B 552 17.59 19.75 32.58
N LEU B 553 17.72 20.93 31.98
CA LEU B 553 18.11 21.09 30.59
C LEU B 553 17.12 20.39 29.71
N VAL B 554 15.85 20.75 29.86
CA VAL B 554 14.85 20.31 28.95
C VAL B 554 14.56 21.49 28.01
N HIS B 555 14.65 21.24 26.70
CA HIS B 555 14.43 22.25 25.66
C HIS B 555 13.30 21.75 24.77
N VAL B 556 12.23 22.50 24.76
CA VAL B 556 11.09 22.22 23.93
C VAL B 556 10.94 23.42 23.02
N ASN B 557 10.90 23.16 21.72
CA ASN B 557 10.78 24.21 20.73
C ASN B 557 9.84 23.75 19.63
N ASN B 558 8.86 24.58 19.32
CA ASN B 558 8.05 24.43 18.09
C ASN B 558 7.21 23.17 18.09
N VAL B 559 6.25 23.13 19.01
CA VAL B 559 5.41 21.98 19.21
C VAL B 559 3.97 22.47 19.17
N GLN B 560 3.11 21.76 18.42
CA GLN B 560 1.68 22.09 18.45
C GLN B 560 0.88 20.93 18.99
N LEU B 561 0.12 21.18 20.06
CA LEU B 561 -0.71 20.18 20.69
C LEU B 561 -2.18 20.55 20.56
N ASN B 562 -2.94 19.75 19.82
CA ASN B 562 -4.35 19.97 19.69
C ASN B 562 -5.16 18.93 20.46
N ASN B 563 -6.08 19.40 21.29
CA ASN B 563 -7.01 18.54 22.02
C ASN B 563 -6.25 17.60 22.97
N VAL B 564 -5.59 18.25 23.92
CA VAL B 564 -4.79 17.59 24.93
C VAL B 564 -5.14 18.26 26.28
N THR B 565 -4.73 17.60 27.36
CA THR B 565 -4.92 18.12 28.69
C THR B 565 -3.78 19.12 29.04
N PRO B 566 -3.98 19.96 30.09
CA PRO B 566 -2.85 20.76 30.59
C PRO B 566 -1.61 19.96 31.04
N THR B 567 -0.48 20.64 31.07
CA THR B 567 0.78 20.04 31.50
C THR B 567 0.86 19.99 33.03
N ALA B 568 1.83 19.24 33.54
CA ALA B 568 2.12 19.13 34.97
C ALA B 568 3.61 18.92 35.00
N ILE B 569 4.28 19.91 35.51
CA ILE B 569 5.70 20.01 35.48
C ILE B 569 6.20 20.43 36.86
N SER B 570 6.89 19.52 37.50
CA SER B 570 7.48 19.72 38.82
C SER B 570 8.93 19.24 38.82
N ASP B 571 9.72 19.76 39.74
CA ASP B 571 11.11 19.39 39.88
C ASP B 571 12.03 19.46 38.59
N LEU B 572 12.12 20.60 37.91
CA LEU B 572 12.82 20.87 36.68
C LEU B 572 13.57 22.19 36.81
N ARG B 573 14.82 22.20 36.36
CA ARG B 573 15.56 23.44 36.43
C ARG B 573 16.20 23.68 35.10
N ASP B 574 16.52 24.94 34.80
CA ASP B 574 17.37 25.30 33.66
C ASP B 574 16.78 24.78 32.34
N SER B 575 15.54 25.14 32.08
CA SER B 575 14.80 24.55 30.99
C SER B 575 13.98 25.60 30.37
N GLU B 576 13.58 25.33 29.12
CA GLU B 576 12.69 26.24 28.43
C GLU B 576 11.74 25.57 27.45
N PHE B 577 10.61 26.24 27.26
CA PHE B 577 9.51 25.82 26.45
C PHE B 577 9.11 26.96 25.51
N ASN B 578 9.51 26.89 24.25
CA ASN B 578 9.30 27.98 23.27
C ASN B 578 8.36 27.57 22.15
N LYS B 579 7.47 28.46 21.75
CA LYS B 579 6.64 28.23 20.59
C LYS B 579 5.92 26.89 20.74
N VAL B 580 5.35 26.69 21.92
CA VAL B 580 4.54 25.53 22.24
C VAL B 580 3.12 26.03 22.24
N THR B 581 2.36 25.67 21.21
CA THR B 581 0.97 26.13 21.00
C THR B 581 -0.07 25.03 21.36
N PHE B 582 -1.02 25.39 22.23
CA PHE B 582 -2.14 24.56 22.62
C PHE B 582 -3.45 25.02 21.96
N THR B 583 -4.19 24.08 21.40
CA THR B 583 -5.51 24.40 20.84
C THR B 583 -6.43 23.35 21.38
N GLU B 584 -7.70 23.69 21.55
CA GLU B 584 -8.70 22.75 22.06
C GLU B 584 -8.32 22.09 23.38
N LEU B 585 -7.68 22.88 24.23
CA LEU B 585 -7.24 22.40 25.50
C LEU B 585 -8.42 21.81 26.30
N ARG B 586 -8.22 20.63 26.88
CA ARG B 586 -9.20 20.04 27.81
C ARG B 586 -8.80 20.40 29.25
N GLY B 587 -9.00 21.69 29.57
CA GLY B 587 -8.66 22.25 30.85
C GLY B 587 -8.62 23.75 30.74
N ASP B 588 -8.32 24.38 31.87
CA ASP B 588 -8.41 25.82 31.99
C ASP B 588 -7.25 26.60 31.41
N THR B 589 -6.02 26.24 31.81
CA THR B 589 -4.80 26.86 31.31
C THR B 589 -3.73 25.77 31.08
N PRO B 590 -2.89 25.90 30.02
CA PRO B 590 -1.90 24.86 29.64
C PRO B 590 -0.68 24.61 30.57
N TRP B 591 -0.17 25.64 31.23
CA TRP B 591 1.09 25.50 31.96
C TRP B 591 0.87 25.42 33.45
N HIS B 592 1.37 24.37 34.08
CA HIS B 592 1.30 24.17 35.54
C HIS B 592 2.66 23.69 36.01
N PHE B 593 3.34 24.53 36.77
CA PHE B 593 4.68 24.29 37.23
C PHE B 593 4.69 24.29 38.76
N SER B 594 5.59 23.51 39.35
CA SER B 594 5.93 23.63 40.78
C SER B 594 7.33 23.10 41.06
N GLU B 595 7.97 23.57 42.11
CA GLU B 595 9.37 23.24 42.42
C GLU B 595 10.29 23.33 41.21
N VAL B 596 10.19 24.43 40.47
CA VAL B 596 11.04 24.66 39.30
C VAL B 596 12.08 25.74 39.61
N LYS B 597 13.20 25.76 38.89
CA LYS B 597 14.16 26.80 39.08
C LYS B 597 14.77 27.19 37.72
N ASN B 598 14.74 28.48 37.37
CA ASN B 598 15.30 28.95 36.10
C ASN B 598 14.66 28.24 34.90
N VAL B 599 13.34 28.22 34.88
CA VAL B 599 12.61 27.79 33.72
C VAL B 599 11.75 28.90 33.14
N LYS B 600 11.80 29.03 31.81
CA LYS B 600 11.10 30.05 31.01
C LYS B 600 10.12 29.25 30.18
N VAL B 601 8.89 29.69 30.04
CA VAL B 601 8.27 30.01 28.78
C VAL B 601 8.28 31.25 27.91
N ASP B 602 9.05 31.16 26.87
CA ASP B 602 8.60 31.58 25.62
C ASP B 602 8.24 33.04 25.54
N GLY B 603 9.11 33.96 25.98
CA GLY B 603 10.42 33.45 26.37
C GLY B 603 10.86 33.99 27.72
N LYS B 604 10.04 34.26 28.72
CA LYS B 604 10.48 34.25 30.11
C LYS B 604 9.35 34.29 31.15
N PRO B 605 9.67 34.35 32.46
CA PRO B 605 10.06 33.25 33.35
C PRO B 605 9.08 32.75 34.40
N VAL B 606 9.25 31.51 34.81
CA VAL B 606 8.15 30.90 35.55
C VAL B 606 8.25 31.20 37.04
#